data_8JIP
#
_entry.id   8JIP
#
_cell.length_a   1.00
_cell.length_b   1.00
_cell.length_c   1.00
_cell.angle_alpha   90.00
_cell.angle_beta   90.00
_cell.angle_gamma   90.00
#
_symmetry.space_group_name_H-M   'P 1'
#
loop_
_entity.id
_entity.type
_entity.pdbx_description
1 polymer 'Glucagon-like peptide 1 receptor'
2 polymer 'Guanine nucleotide-binding protein G(s) subunit alpha isoforms short'
3 polymer MEDI0382
4 polymer 'Guanine nucleotide-binding protein G(I)/G(S)/G(T) subunit beta-1'
5 polymer 'Guanine nucleotide-binding protein G(I)/G(S)/G(O) subunit gamma-2'
6 polymer 'Nanobody 35'
7 non-polymer 'N-hexadecanoyl-L-glutamic acid'
#
loop_
_entity_poly.entity_id
_entity_poly.type
_entity_poly.pdbx_seq_one_letter_code
_entity_poly.pdbx_strand_id
1 'polypeptide(L)'
;RPQGATVSLWETVQKWREYRRQCQRSLTEDPPPATDLFCNRTFDEYACWPDGEPGSFVNVSCPWYLPWASSVPQGHVYRF
CTAEGLWLQKDNSSLPWRDLSECEESKRGERSSPEEQLLFLYIIYTVGYALSFSALVIASAILLGFRHLHCTRNYIHLNL
FASFILRALSVFIKDAALKWMYSTAAQQHQWDGLLSYQDSLSCRLVFLLMQYCVAANYYWLLVEGVYLYTLLAFSVLSEQ
WIFRLYVSIGWGVPLLFVVPWGIVKYLYEDEGCWTRNSNMNYWLIIRLPILFAIGVNFLIFVRVICIVVSKLKANLMCKT
DIKCRLAKSTLTLIPLLGTHEVIFAFVMDEHARGTLRFIKLFTELSFTSFQGLMVAILYCFVNNEVQLEFRKSWERWRLE
HLHIQRDSSMKPLKCPTSSLSSGATAGSSMYTATCQASCS
;
R
2 'polypeptide(L)'
;MGCTLSAEDKAAVERSKMIEKQLQKDKQVYRATHRLLLLGADNSGKSTIVKQMRIYHVNGYSEEECKQYKAVVYSNTIQS
IIAIIRAMGRLKIDFGDSARADDARQLFVLAGAAEEGFMTAELAGVIKRLWKDSGVQACFNRSREYQLNDSAAYYLNDLD
RIAQPNYIPTQQDVLRTRVKTSGIFETKFQVDKVNFHMFDVGAQRDERRKWIQCFNDVTAIIFVVDSSDYNRLQEALNDF
KSIWNNRWLRTISVILFLNKQDLLAEKVLAGKSKIEDYFPEFARYTTPEDATPEPGEDPRVTRAKYFIRDEFLRISTASG
DGRHYCYPHFTCSVDTENIRRVFNDCRDIIQRMHLRQYELL
;
A
3 'polypeptide(L)' HSQGTFTSDKSEYLDSERAQDFVAWLEAG P
4 'polypeptide(L)'
;MGSLLQSELDQLRQEAEQLKNQIRDARKACADATLSQITNNIDPVGRIQMRTRRTLRGHLAKIYAMHWGTDSRLLVSASQ
DGKLIIWDSYTTNKVHAIPLRSSWVMTCAYAPSGNYVACGGLDNICSIYNLKTREGNVRVSRELAGHTGYLSCCRFLDDN
QIVTSSGDTTCALWDIETGQQTTTFTGHTGDVMSLSLAPDTRLFVSGACDASAKLWDVREGMCRQTFTGHESDINAICFF
PNGNAFATGSDDATCRLFDLRADQELMTYSHDNIICGITSVSFSKSGRLLLAGYDDFNCNVWDALKADRAGVLAGHDNRV
SCLGVTDDGMAVATGSWDSFLKIWN
;
B
5 'polypeptide(L)' ASNNTASIAQARKLVEQLKMEANIDRIKVSKAAADLMAYCEAHAKEDPLLTPVPASENPFREKKFFCAIL G
6 'polypeptide(L)'
;MAQVQLQESGGGLVQPGGSLRLSCAASGFTFSNYKMNWVRQAPGKGLEWVSDISQSGASISYTGSVKGRFTISRDNAKNT
LYLQMNSLKPEDTAVYYCARCPAPFTRDCFDVTSTTYAYRGQGTQVTVSSHHHHHHEPEA
;
N
#
loop_
_chem_comp.id
_chem_comp.type
_chem_comp.name
_chem_comp.formula
D6M non-polymer 'N-hexadecanoyl-L-glutamic acid' 'C21 H39 N O5'
#
# COMPACT_ATOMS: atom_id res chain seq x y z
N VAL A 7 -3.79 -42.18 47.98
CA VAL A 7 -2.74 -42.57 47.05
C VAL A 7 -1.87 -41.38 46.68
N SER A 8 -0.91 -41.05 47.52
CA SER A 8 -0.03 -39.92 47.26
C SER A 8 1.27 -40.05 48.04
N LEU A 9 2.37 -39.71 47.37
CA LEU A 9 3.69 -39.75 48.00
C LEU A 9 3.66 -38.91 49.25
N TRP A 10 3.21 -37.67 49.09
CA TRP A 10 3.12 -36.76 50.23
C TRP A 10 2.23 -37.37 51.28
N GLU A 11 1.06 -37.84 50.86
CA GLU A 11 0.11 -38.46 51.75
C GLU A 11 0.76 -39.60 52.52
N THR A 12 1.45 -40.50 51.80
CA THR A 12 2.06 -41.68 52.43
C THR A 12 3.30 -41.34 53.25
N VAL A 13 3.95 -40.23 52.94
CA VAL A 13 5.10 -39.82 53.74
C VAL A 13 4.58 -39.43 55.11
N GLN A 14 3.44 -38.74 55.13
CA GLN A 14 2.84 -38.35 56.40
C GLN A 14 2.15 -39.54 57.06
N LYS A 15 1.79 -40.54 56.26
CA LYS A 15 1.19 -41.74 56.81
C LYS A 15 2.27 -42.65 57.34
N TRP A 16 3.52 -42.43 56.92
CA TRP A 16 4.62 -43.21 57.47
C TRP A 16 5.16 -42.43 58.64
N ARG A 17 4.84 -41.15 58.67
CA ARG A 17 5.24 -40.36 59.84
C ARG A 17 4.26 -40.80 60.89
N GLU A 18 3.05 -41.17 60.47
CA GLU A 18 2.06 -41.68 61.40
C GLU A 18 2.37 -43.14 61.70
N TYR A 19 2.96 -43.84 60.74
CA TYR A 19 3.33 -45.23 60.98
C TYR A 19 4.55 -45.29 61.88
N ARG A 20 5.33 -44.20 61.92
CA ARG A 20 6.44 -44.17 62.84
C ARG A 20 5.94 -43.61 64.13
N ARG A 21 4.86 -42.83 64.09
CA ARG A 21 4.28 -42.38 65.35
C ARG A 21 3.64 -43.61 66.00
N GLN A 22 3.17 -44.54 65.16
CA GLN A 22 2.60 -45.80 65.60
C GLN A 22 3.71 -46.60 66.28
N CYS A 23 4.90 -46.57 65.68
CA CYS A 23 6.04 -47.26 66.28
C CYS A 23 6.45 -46.56 67.56
N GLN A 24 6.32 -45.25 67.63
CA GLN A 24 6.60 -44.50 68.85
C GLN A 24 5.60 -44.92 69.93
N ARG A 25 4.37 -45.18 69.50
CA ARG A 25 3.31 -45.66 70.37
C ARG A 25 3.52 -47.15 70.63
N SER A 26 4.24 -47.85 69.76
CA SER A 26 4.50 -49.29 69.94
C SER A 26 5.76 -49.45 70.76
N LEU A 27 6.70 -48.53 70.64
CA LEU A 27 7.88 -48.54 71.49
C LEU A 27 7.40 -48.38 72.92
N THR A 28 6.27 -47.69 73.06
CA THR A 28 5.64 -47.47 74.36
C THR A 28 5.13 -48.78 74.96
N GLU A 29 4.81 -49.77 74.11
CA GLU A 29 4.31 -51.07 74.57
C GLU A 29 5.01 -52.17 73.76
N ASP A 30 6.10 -52.61 74.38
CA ASP A 30 6.93 -53.61 73.78
C ASP A 30 6.66 -55.05 74.35
N PRO A 31 6.68 -56.13 73.50
CA PRO A 31 6.52 -57.50 74.02
C PRO A 31 7.81 -58.02 74.66
N PRO A 32 7.68 -58.86 75.69
CA PRO A 32 8.83 -59.44 76.38
C PRO A 32 9.55 -60.48 75.52
N PRO A 33 10.88 -60.56 75.66
CA PRO A 33 11.69 -61.51 74.90
C PRO A 33 11.58 -62.94 75.44
N ALA A 34 12.06 -63.90 74.68
CA ALA A 34 12.01 -65.31 75.09
C ALA A 34 13.31 -65.72 75.78
N THR A 35 13.38 -66.99 76.18
CA THR A 35 14.57 -67.51 76.84
C THR A 35 15.50 -68.20 75.85
N ASP A 36 16.32 -67.40 75.15
CA ASP A 36 17.21 -67.94 74.14
C ASP A 36 18.31 -66.97 73.80
N LEU A 37 18.84 -67.09 72.58
CA LEU A 37 19.83 -66.14 72.14
C LEU A 37 19.07 -64.89 71.78
N PHE A 38 18.29 -64.95 70.71
CA PHE A 38 17.48 -63.81 70.28
C PHE A 38 16.36 -64.22 69.36
N CYS A 39 15.85 -63.26 68.60
CA CYS A 39 14.79 -63.51 67.63
C CYS A 39 14.70 -62.14 67.01
N ASN A 40 15.79 -61.38 67.06
CA ASN A 40 15.78 -59.99 66.61
C ASN A 40 14.72 -59.50 65.64
N ARG A 41 13.67 -58.90 66.17
CA ARG A 41 12.65 -58.30 65.32
C ARG A 41 12.67 -56.85 65.74
N THR A 42 13.23 -56.59 66.92
CA THR A 42 13.36 -55.22 67.46
C THR A 42 12.41 -54.14 66.96
N PHE A 43 12.96 -53.13 66.29
CA PHE A 43 12.15 -52.02 65.82
C PHE A 43 12.34 -51.86 64.33
N ASP A 44 11.60 -52.62 63.54
CA ASP A 44 11.77 -52.57 62.09
C ASP A 44 11.02 -51.43 61.42
N GLU A 45 11.13 -51.34 60.09
CA GLU A 45 10.45 -50.27 59.35
C GLU A 45 8.97 -50.54 59.15
N TYR A 46 8.49 -51.67 59.64
CA TYR A 46 7.07 -51.97 59.57
C TYR A 46 6.55 -51.98 60.99
N ALA A 47 6.75 -53.08 61.69
CA ALA A 47 6.30 -53.18 63.08
C ALA A 47 7.48 -52.95 64.02
N CYS A 48 7.19 -52.49 65.22
CA CYS A 48 8.24 -52.23 66.19
C CYS A 48 8.09 -53.12 67.41
N TRP A 49 8.17 -54.44 67.20
CA TRP A 49 7.98 -55.39 68.29
C TRP A 49 9.19 -56.30 68.50
N PRO A 50 9.94 -56.13 69.60
CA PRO A 50 11.17 -56.91 69.83
C PRO A 50 11.14 -58.41 70.09
N ASP A 51 12.02 -59.17 69.42
CA ASP A 51 12.16 -60.64 69.64
C ASP A 51 10.92 -61.50 69.91
N GLY A 52 11.05 -62.51 70.79
CA GLY A 52 9.88 -63.29 71.12
C GLY A 52 10.16 -64.74 71.46
N GLU A 53 9.10 -65.55 71.46
CA GLU A 53 9.28 -67.00 71.65
C GLU A 53 9.49 -67.65 70.29
N PRO A 54 10.64 -68.36 70.11
CA PRO A 54 10.78 -68.91 68.75
C PRO A 54 10.22 -70.31 68.60
N GLY A 55 10.64 -71.01 67.56
CA GLY A 55 10.12 -72.34 67.30
C GLY A 55 8.66 -72.26 66.93
N SER A 56 8.25 -71.14 66.33
CA SER A 56 6.86 -70.95 65.99
C SER A 56 6.76 -70.10 64.75
N PHE A 57 5.59 -70.12 64.10
CA PHE A 57 5.39 -69.26 62.95
C PHE A 57 5.04 -67.87 63.44
N VAL A 58 6.05 -67.03 63.61
CA VAL A 58 5.82 -65.66 64.07
C VAL A 58 5.10 -64.91 62.96
N ASN A 59 3.88 -64.48 63.23
CA ASN A 59 3.08 -63.81 62.20
C ASN A 59 2.52 -62.46 62.62
N VAL A 60 2.97 -61.38 61.99
CA VAL A 60 2.51 -60.04 62.31
C VAL A 60 1.66 -59.54 61.15
N SER A 61 0.59 -58.80 61.43
CA SER A 61 -0.32 -58.30 60.38
C SER A 61 0.22 -57.33 59.32
N CYS A 62 -0.61 -57.02 58.33
CA CYS A 62 -0.18 -56.14 57.23
C CYS A 62 -0.35 -54.65 57.52
N PRO A 63 0.58 -53.82 57.00
CA PRO A 63 0.44 -52.35 57.16
C PRO A 63 -0.75 -51.76 56.42
N TRP A 64 -1.27 -50.64 56.94
CA TRP A 64 -2.43 -50.00 56.32
C TRP A 64 -2.02 -48.87 55.38
N TYR A 65 -0.86 -48.26 55.63
CA TYR A 65 -0.42 -47.12 54.82
C TYR A 65 0.05 -47.54 53.44
N LEU A 66 0.28 -48.83 53.25
CA LEU A 66 0.73 -49.35 51.98
C LEU A 66 -0.41 -49.34 50.94
N PRO A 67 -0.27 -48.60 49.79
CA PRO A 67 -1.40 -48.75 48.86
C PRO A 67 -1.53 -50.13 48.26
N TRP A 68 -0.41 -50.79 47.95
CA TRP A 68 -0.45 -52.14 47.37
C TRP A 68 -1.06 -53.13 48.36
N ALA A 69 -1.12 -52.78 49.63
CA ALA A 69 -1.71 -53.67 50.63
C ALA A 69 -3.20 -53.42 50.86
N SER A 70 -3.67 -52.24 50.50
CA SER A 70 -5.11 -51.98 50.62
C SER A 70 -5.91 -52.81 49.64
N SER A 71 -5.29 -53.25 48.54
CA SER A 71 -5.96 -54.10 47.58
C SER A 71 -6.05 -55.55 48.05
N VAL A 72 -5.31 -55.92 49.09
CA VAL A 72 -5.35 -57.27 49.64
C VAL A 72 -5.01 -57.23 51.13
N PRO A 73 -6.01 -57.06 52.00
CA PRO A 73 -5.72 -57.07 53.44
C PRO A 73 -5.54 -58.45 54.04
N GLN A 74 -5.83 -59.51 53.28
CA GLN A 74 -5.81 -60.86 53.84
C GLN A 74 -4.38 -61.36 54.02
N GLY A 75 -3.42 -60.69 53.39
CA GLY A 75 -2.05 -61.18 53.41
C GLY A 75 -1.26 -60.60 54.57
N HIS A 76 -0.13 -61.25 54.91
CA HIS A 76 0.77 -60.73 55.95
C HIS A 76 2.17 -61.32 55.79
N VAL A 77 3.04 -61.16 56.80
CA VAL A 77 4.40 -61.66 56.71
C VAL A 77 4.59 -63.00 57.39
N TYR A 78 5.43 -63.85 56.81
CA TYR A 78 5.63 -65.18 57.37
C TYR A 78 7.09 -65.43 57.72
N ARG A 79 7.35 -65.58 59.02
CA ARG A 79 8.73 -65.76 59.47
C ARG A 79 8.82 -66.79 60.58
N PHE A 80 9.75 -67.72 60.47
CA PHE A 80 9.85 -68.78 61.46
C PHE A 80 11.10 -68.60 62.29
N CYS A 81 10.97 -67.91 63.41
CA CYS A 81 12.10 -67.72 64.30
C CYS A 81 12.54 -69.03 64.91
N THR A 82 13.84 -69.16 65.14
CA THR A 82 14.38 -70.38 65.74
C THR A 82 15.25 -69.96 66.91
N ALA A 83 15.69 -70.92 67.71
CA ALA A 83 16.48 -70.60 68.90
C ALA A 83 17.86 -70.00 68.63
N GLU A 84 18.35 -70.12 67.40
CA GLU A 84 19.67 -69.60 67.04
C GLU A 84 19.80 -68.09 67.17
N GLY A 85 18.68 -67.36 67.07
CA GLY A 85 18.72 -65.92 67.18
C GLY A 85 18.07 -65.22 66.03
N LEU A 86 17.79 -65.96 64.96
CA LEU A 86 17.18 -65.36 63.78
C LEU A 86 16.07 -66.24 63.24
N TRP A 87 15.69 -65.99 61.99
CA TRP A 87 14.63 -66.78 61.36
C TRP A 87 15.26 -67.90 60.55
N LEU A 88 15.13 -67.85 59.22
CA LEU A 88 15.75 -68.86 58.36
C LEU A 88 16.57 -68.22 57.24
N GLN A 89 17.90 -68.31 57.33
CA GLN A 89 18.78 -67.68 56.34
C GLN A 89 20.13 -68.40 56.21
N LYS A 90 20.73 -68.38 55.02
CA LYS A 90 22.03 -69.01 54.83
C LYS A 90 23.14 -68.16 55.45
N ASP A 91 22.88 -66.87 55.58
CA ASP A 91 23.86 -65.95 56.16
C ASP A 91 23.33 -65.32 57.44
N ASN A 92 24.25 -64.87 58.29
CA ASN A 92 23.88 -64.25 59.56
C ASN A 92 23.56 -62.77 59.36
N SER A 93 22.36 -62.37 59.78
CA SER A 93 21.91 -60.98 59.68
C SER A 93 22.13 -60.41 58.28
N SER A 94 21.59 -61.09 57.28
CA SER A 94 21.73 -60.66 55.89
C SER A 94 20.37 -60.54 55.21
N LEU A 95 19.84 -61.68 54.77
CA LEU A 95 18.54 -61.72 54.10
C LEU A 95 17.61 -62.74 54.73
N PRO A 96 16.69 -62.29 55.66
CA PRO A 96 15.91 -63.32 56.36
C PRO A 96 14.74 -63.99 55.68
N TRP A 97 14.13 -64.93 56.39
CA TRP A 97 12.95 -65.59 55.85
C TRP A 97 11.78 -64.64 56.01
N ARG A 98 11.22 -64.22 54.90
CA ARG A 98 10.10 -63.28 54.91
C ARG A 98 9.13 -63.59 53.80
N ASP A 99 7.93 -63.03 53.87
CA ASP A 99 6.92 -63.22 52.83
C ASP A 99 6.06 -61.98 52.65
N LEU A 100 6.62 -60.95 52.02
CA LEU A 100 5.89 -59.70 51.89
C LEU A 100 5.05 -59.69 50.62
N SER A 101 5.09 -60.80 49.88
CA SER A 101 4.34 -60.88 48.64
C SER A 101 2.86 -60.84 48.94
N GLU A 102 2.48 -61.31 50.12
CA GLU A 102 1.08 -61.31 50.50
C GLU A 102 0.58 -59.90 50.81
N CYS A 103 1.46 -59.05 51.33
CA CYS A 103 1.07 -57.68 51.61
C CYS A 103 1.04 -56.86 50.33
N GLU A 104 2.20 -56.61 49.74
CA GLU A 104 2.28 -55.83 48.52
C GLU A 104 1.75 -56.58 47.32
N GLU A 105 0.65 -56.11 46.75
CA GLU A 105 0.09 -56.75 45.56
C GLU A 105 1.10 -56.70 44.41
N PRO A 114 0.81 -49.32 32.85
CA PRO A 114 1.88 -49.22 31.84
C PRO A 114 1.66 -48.01 30.96
N GLU A 115 2.28 -46.89 31.31
CA GLU A 115 2.12 -45.68 30.54
C GLU A 115 3.21 -45.54 29.48
N GLU A 116 2.87 -45.96 28.27
CA GLU A 116 3.78 -45.90 27.15
C GLU A 116 3.38 -44.73 26.27
N GLN A 117 2.08 -44.48 26.21
CA GLN A 117 1.54 -43.39 25.42
C GLN A 117 2.15 -42.06 25.82
N LEU A 118 2.25 -41.84 27.12
CA LEU A 118 2.80 -40.59 27.65
C LEU A 118 4.15 -40.28 27.06
N LEU A 119 5.02 -41.26 26.98
CA LEU A 119 6.33 -41.02 26.42
C LEU A 119 6.19 -40.62 24.96
N PHE A 120 5.35 -41.34 24.24
CA PHE A 120 5.11 -41.07 22.83
C PHE A 120 4.62 -39.64 22.63
N LEU A 121 3.46 -39.34 23.19
CA LEU A 121 2.84 -38.01 23.08
C LEU A 121 3.78 -36.86 23.36
N TYR A 122 4.53 -36.96 24.45
CA TYR A 122 5.46 -35.92 24.85
C TYR A 122 6.59 -35.67 23.87
N ILE A 123 7.01 -36.69 23.13
CA ILE A 123 8.07 -36.49 22.17
C ILE A 123 7.61 -35.73 20.95
N ILE A 124 6.31 -35.82 20.64
CA ILE A 124 5.79 -35.14 19.46
C ILE A 124 5.59 -33.65 19.65
N TYR A 125 4.88 -33.25 20.69
CA TYR A 125 4.64 -31.82 20.88
C TYR A 125 5.82 -31.01 21.37
N THR A 126 6.85 -31.67 21.88
CA THR A 126 8.00 -30.91 22.36
C THR A 126 8.76 -30.56 21.13
N VAL A 127 8.31 -31.06 20.00
CA VAL A 127 8.94 -30.80 18.72
C VAL A 127 8.16 -29.73 17.96
N GLY A 128 6.84 -29.85 17.94
CA GLY A 128 6.01 -28.84 17.29
C GLY A 128 6.21 -27.46 17.88
N TYR A 129 6.28 -27.40 19.21
CA TYR A 129 6.43 -26.11 19.90
C TYR A 129 7.78 -25.50 19.64
N ALA A 130 8.83 -26.31 19.59
CA ALA A 130 10.16 -25.80 19.27
C ALA A 130 10.20 -25.23 17.87
N LEU A 131 9.67 -25.98 16.89
CA LEU A 131 9.63 -25.48 15.51
C LEU A 131 8.83 -24.19 15.41
N SER A 132 7.71 -24.14 16.11
CA SER A 132 6.89 -22.96 16.09
C SER A 132 7.67 -21.80 16.64
N PHE A 133 8.22 -21.95 17.84
CA PHE A 133 8.94 -20.86 18.49
C PHE A 133 10.03 -20.32 17.57
N SER A 134 10.78 -21.20 16.91
CA SER A 134 11.82 -20.75 15.99
C SER A 134 11.22 -19.93 14.85
N ALA A 135 10.25 -20.51 14.14
CA ALA A 135 9.65 -19.81 13.02
C ALA A 135 9.02 -18.49 13.44
N LEU A 136 8.45 -18.44 14.63
CA LEU A 136 7.73 -17.25 15.06
C LEU A 136 8.67 -16.15 15.50
N VAL A 137 9.79 -16.48 16.14
CA VAL A 137 10.76 -15.43 16.45
C VAL A 137 11.37 -14.89 15.16
N ILE A 138 11.59 -15.76 14.17
CA ILE A 138 12.08 -15.28 12.88
C ILE A 138 11.06 -14.35 12.24
N ALA A 139 9.79 -14.74 12.26
CA ALA A 139 8.76 -13.91 11.64
C ALA A 139 8.65 -12.59 12.35
N SER A 140 8.61 -12.63 13.67
CA SER A 140 8.47 -11.39 14.45
C SER A 140 9.64 -10.45 14.20
N ALA A 141 10.86 -10.99 14.12
CA ALA A 141 12.00 -10.16 13.76
C ALA A 141 11.82 -9.54 12.39
N ILE A 142 11.34 -10.28 11.39
CA ILE A 142 11.22 -9.73 10.04
C ILE A 142 10.22 -8.60 10.02
N LEU A 143 9.07 -8.82 10.64
CA LEU A 143 8.03 -7.79 10.68
C LEU A 143 8.53 -6.56 11.42
N LEU A 144 9.10 -6.76 12.61
CA LEU A 144 9.55 -5.60 13.36
C LEU A 144 10.69 -4.86 12.66
N GLY A 145 11.36 -5.52 11.75
CA GLY A 145 12.45 -4.91 11.01
C GLY A 145 12.05 -3.82 10.04
N PHE A 146 11.55 -4.19 8.87
CA PHE A 146 11.15 -3.22 7.86
C PHE A 146 10.18 -2.18 8.38
N ARG A 147 10.38 -0.94 7.97
CA ARG A 147 9.53 0.16 8.40
C ARG A 147 8.22 0.17 7.65
N HIS A 148 8.32 -0.01 6.34
CA HIS A 148 7.18 -0.01 5.45
C HIS A 148 5.93 -0.75 5.91
N LEU A 149 6.09 -1.96 6.45
CA LEU A 149 4.93 -2.76 6.87
C LEU A 149 4.47 -2.57 8.30
N HIS A 150 4.40 -1.34 8.78
CA HIS A 150 3.93 -1.11 10.13
C HIS A 150 2.46 -0.81 10.03
N CYS A 151 1.58 -1.70 10.48
CA CYS A 151 0.18 -1.33 10.30
C CYS A 151 -0.63 -2.04 11.37
N THR A 152 -1.90 -1.66 11.48
CA THR A 152 -2.74 -2.26 12.50
C THR A 152 -2.80 -3.77 12.33
N ARG A 153 -2.97 -4.26 11.11
CA ARG A 153 -3.05 -5.71 10.89
C ARG A 153 -1.78 -6.39 11.36
N ASN A 154 -0.61 -5.84 11.01
CA ASN A 154 0.64 -6.46 11.43
C ASN A 154 0.93 -6.26 12.90
N TYR A 155 0.37 -5.22 13.54
CA TYR A 155 0.45 -5.12 15.00
C TYR A 155 -0.29 -6.28 15.67
N ILE A 156 -1.49 -6.59 15.17
CA ILE A 156 -2.23 -7.73 15.69
C ILE A 156 -1.47 -9.02 15.42
N HIS A 157 -0.87 -9.13 14.23
CA HIS A 157 -0.09 -10.34 13.91
C HIS A 157 1.10 -10.48 14.84
N LEU A 158 1.76 -9.37 15.18
CA LEU A 158 2.91 -9.44 16.08
C LEU A 158 2.47 -9.81 17.49
N ASN A 159 1.34 -9.30 17.93
CA ASN A 159 0.86 -9.66 19.24
C ASN A 159 0.47 -11.12 19.29
N LEU A 160 -0.12 -11.65 18.22
CA LEU A 160 -0.45 -13.07 18.17
C LEU A 160 0.81 -13.93 18.13
N PHE A 161 1.83 -13.46 17.41
CA PHE A 161 3.12 -14.14 17.43
C PHE A 161 3.69 -14.20 18.84
N ALA A 162 3.63 -13.07 19.52
CA ALA A 162 4.16 -12.95 20.87
C ALA A 162 3.36 -13.74 21.86
N SER A 163 2.15 -14.14 21.49
CA SER A 163 1.37 -14.94 22.40
C SER A 163 1.68 -16.41 22.18
N PHE A 164 2.33 -16.73 21.07
CA PHE A 164 2.67 -18.11 20.79
C PHE A 164 4.06 -18.35 21.35
N ILE A 165 4.87 -17.30 21.44
CA ILE A 165 6.20 -17.41 21.99
C ILE A 165 6.13 -17.51 23.49
N LEU A 166 5.08 -16.96 24.07
CA LEU A 166 4.89 -17.00 25.50
C LEU A 166 4.25 -18.31 25.89
N ARG A 167 3.63 -18.99 24.94
CA ARG A 167 3.00 -20.26 25.23
C ARG A 167 4.05 -21.33 25.21
N ALA A 168 4.92 -21.28 24.21
CA ALA A 168 5.99 -22.25 24.08
C ALA A 168 6.87 -22.23 25.32
N LEU A 169 7.32 -21.05 25.71
CA LEU A 169 8.18 -20.88 26.88
C LEU A 169 7.62 -21.57 28.09
N SER A 170 6.41 -21.19 28.49
CA SER A 170 5.78 -21.79 29.65
C SER A 170 5.69 -23.29 29.52
N VAL A 171 5.32 -23.79 28.35
CA VAL A 171 5.23 -25.22 28.14
C VAL A 171 6.57 -25.85 28.42
N PHE A 172 7.64 -25.23 27.93
CA PHE A 172 8.96 -25.81 28.13
C PHE A 172 9.28 -25.87 29.60
N ILE A 173 9.30 -24.71 30.24
CA ILE A 173 9.60 -24.60 31.67
C ILE A 173 8.79 -25.53 32.54
N LYS A 174 7.49 -25.62 32.28
CA LYS A 174 6.61 -26.46 33.09
C LYS A 174 7.07 -27.91 33.16
N ASP A 175 7.58 -28.43 32.05
CA ASP A 175 7.99 -29.83 32.02
C ASP A 175 9.21 -30.03 32.88
N ALA A 176 10.03 -28.98 33.00
CA ALA A 176 11.22 -29.08 33.82
C ALA A 176 10.79 -29.23 35.26
N ALA A 177 9.80 -28.45 35.66
CA ALA A 177 9.28 -28.49 37.02
C ALA A 177 8.88 -29.89 37.45
N LEU A 178 8.16 -30.60 36.58
CA LEU A 178 7.73 -31.96 36.87
C LEU A 178 8.90 -32.84 37.29
N LYS A 179 9.98 -32.81 36.54
CA LYS A 179 11.15 -33.62 36.88
C LYS A 179 11.67 -33.24 38.25
N TRP A 180 11.95 -31.97 38.45
CA TRP A 180 12.46 -31.48 39.72
C TRP A 180 11.70 -31.94 40.96
N MET A 181 10.38 -31.90 40.91
CA MET A 181 9.60 -32.31 42.06
C MET A 181 9.21 -33.78 42.07
N TYR A 182 9.78 -34.58 41.19
CA TYR A 182 9.36 -35.97 41.18
C TYR A 182 10.52 -36.93 41.17
N SER A 183 10.46 -37.95 40.34
CA SER A 183 11.50 -38.98 40.33
C SER A 183 12.81 -38.57 39.70
N THR A 184 12.92 -37.35 39.20
CA THR A 184 14.20 -36.91 38.67
C THR A 184 15.06 -36.50 39.84
N ALA A 185 14.44 -35.91 40.86
CA ALA A 185 15.19 -35.56 42.05
C ALA A 185 15.08 -36.72 43.01
N ALA A 186 14.13 -37.62 42.74
CA ALA A 186 13.99 -38.81 43.58
C ALA A 186 14.88 -39.88 42.98
N GLN A 187 15.60 -39.54 41.92
CA GLN A 187 16.53 -40.48 41.33
C GLN A 187 17.63 -40.63 42.36
N GLN A 188 17.82 -39.59 43.17
CA GLN A 188 18.80 -39.69 44.24
C GLN A 188 18.15 -40.14 45.55
N HIS A 189 18.76 -39.82 46.68
CA HIS A 189 18.22 -40.25 47.98
C HIS A 189 17.59 -39.09 48.72
N GLN A 190 16.94 -38.20 47.98
CA GLN A 190 16.37 -37.02 48.62
C GLN A 190 14.87 -37.04 48.64
N TRP A 191 14.28 -37.99 49.37
CA TRP A 191 12.83 -38.05 49.48
C TRP A 191 12.31 -36.75 50.05
N ASP A 192 13.02 -36.19 51.01
CA ASP A 192 12.62 -34.93 51.62
C ASP A 192 12.58 -33.76 50.65
N GLY A 193 13.59 -33.65 49.79
CA GLY A 193 13.66 -32.52 48.87
C GLY A 193 12.49 -32.33 47.95
N LEU A 194 11.71 -33.39 47.71
CA LEU A 194 10.59 -33.33 46.78
C LEU A 194 9.36 -32.73 47.43
N LEU A 195 9.23 -32.94 48.73
CA LEU A 195 8.09 -32.42 49.47
C LEU A 195 8.31 -30.97 49.78
N SER A 196 9.48 -30.54 50.21
CA SER A 196 9.87 -29.17 50.49
C SER A 196 9.72 -28.39 49.21
N TYR A 197 10.32 -28.86 48.14
CA TYR A 197 10.19 -28.14 46.88
C TYR A 197 8.75 -28.20 46.41
N GLN A 198 8.04 -29.24 46.82
CA GLN A 198 6.66 -29.42 46.40
C GLN A 198 5.72 -28.63 47.31
N ASP A 199 6.15 -28.39 48.54
CA ASP A 199 5.35 -27.66 49.51
C ASP A 199 5.83 -26.21 49.64
N SER A 200 6.56 -25.74 48.63
CA SER A 200 7.07 -24.38 48.64
C SER A 200 6.11 -23.42 47.95
N LEU A 201 6.61 -22.26 47.56
CA LEU A 201 5.77 -21.29 46.88
C LEU A 201 6.41 -20.86 45.57
N SER A 202 7.37 -21.64 45.10
CA SER A 202 8.01 -21.31 43.85
C SER A 202 7.52 -22.28 42.78
N CYS A 203 6.99 -23.41 43.20
CA CYS A 203 6.46 -24.37 42.24
C CYS A 203 5.09 -23.87 41.88
N ARG A 204 4.33 -23.46 42.89
CA ARG A 204 2.97 -22.96 42.69
C ARG A 204 2.90 -21.85 41.66
N LEU A 205 3.81 -20.89 41.75
CA LEU A 205 3.83 -19.81 40.80
C LEU A 205 4.02 -20.36 39.40
N VAL A 206 4.98 -21.27 39.25
CA VAL A 206 5.29 -21.84 37.94
C VAL A 206 4.13 -22.37 37.13
N PHE A 207 3.16 -23.02 37.76
CA PHE A 207 2.04 -23.52 36.98
C PHE A 207 0.98 -22.47 36.78
N LEU A 208 0.82 -21.56 37.72
CA LEU A 208 -0.19 -20.54 37.54
C LEU A 208 0.26 -19.54 36.48
N LEU A 209 1.49 -19.69 36.01
CA LEU A 209 2.02 -18.84 34.96
C LEU A 209 1.70 -19.45 33.62
N MET A 210 1.23 -20.69 33.60
CA MET A 210 0.89 -21.32 32.35
C MET A 210 -0.57 -21.07 32.03
N GLN A 211 -1.45 -21.28 33.01
CA GLN A 211 -2.87 -21.08 32.79
C GLN A 211 -3.24 -19.71 32.23
N TYR A 212 -2.26 -18.85 32.07
CA TYR A 212 -2.40 -17.49 31.53
C TYR A 212 -1.93 -17.42 30.09
N CYS A 213 -0.79 -18.05 29.77
CA CYS A 213 -0.28 -18.01 28.41
C CYS A 213 -1.21 -18.71 27.44
N VAL A 214 -1.78 -19.85 27.85
CA VAL A 214 -2.73 -20.55 27.00
C VAL A 214 -3.96 -19.68 26.76
N ALA A 215 -4.50 -19.10 27.83
CA ALA A 215 -5.68 -18.24 27.70
C ALA A 215 -5.40 -17.02 26.85
N ALA A 216 -4.19 -16.46 26.95
CA ALA A 216 -3.84 -15.28 26.16
C ALA A 216 -3.69 -15.62 24.69
N ASN A 217 -3.11 -16.78 24.38
CA ASN A 217 -3.06 -17.23 22.99
C ASN A 217 -4.47 -17.39 22.43
N TYR A 218 -5.37 -18.01 23.20
CA TYR A 218 -6.73 -18.20 22.74
C TYR A 218 -7.42 -16.86 22.50
N TYR A 219 -7.28 -15.92 23.43
CA TYR A 219 -7.96 -14.64 23.28
C TYR A 219 -7.32 -13.75 22.21
N TRP A 220 -6.05 -13.97 21.88
CA TRP A 220 -5.47 -13.21 20.78
C TRP A 220 -5.91 -13.79 19.46
N LEU A 221 -6.21 -15.09 19.41
CA LEU A 221 -6.76 -15.65 18.19
C LEU A 221 -8.16 -15.05 18.07
N LEU A 222 -8.84 -14.83 19.20
CA LEU A 222 -10.19 -14.29 19.15
C LEU A 222 -10.26 -12.85 18.72
N VAL A 223 -9.21 -12.07 18.94
CA VAL A 223 -9.26 -10.67 18.50
C VAL A 223 -8.71 -10.54 17.10
N GLU A 224 -8.17 -11.62 16.56
CA GLU A 224 -7.69 -11.60 15.20
C GLU A 224 -8.87 -11.84 14.28
N GLY A 225 -9.90 -12.48 14.79
CA GLY A 225 -11.09 -12.78 14.03
C GLY A 225 -12.16 -11.73 14.19
N VAL A 226 -12.17 -11.02 15.32
CA VAL A 226 -13.13 -9.97 15.53
C VAL A 226 -12.65 -8.76 14.78
N TYR A 227 -11.35 -8.61 14.64
CA TYR A 227 -10.83 -7.51 13.89
C TYR A 227 -11.14 -7.89 12.48
N LEU A 228 -10.59 -9.00 12.00
CA LEU A 228 -10.94 -9.32 10.62
C LEU A 228 -12.42 -9.10 10.37
N TYR A 229 -13.30 -9.44 11.29
CA TYR A 229 -14.72 -9.26 11.01
C TYR A 229 -15.26 -7.86 10.86
N THR A 230 -14.60 -6.84 11.41
CA THR A 230 -15.16 -5.50 11.27
C THR A 230 -14.65 -4.70 10.10
N LEU A 231 -13.78 -5.26 9.30
CA LEU A 231 -13.30 -4.54 8.14
C LEU A 231 -14.27 -4.73 6.99
N LEU A 232 -15.08 -5.78 7.09
CA LEU A 232 -16.05 -6.09 6.06
C LEU A 232 -17.44 -5.69 6.50
N ALA A 233 -17.80 -6.06 7.72
CA ALA A 233 -19.11 -5.76 8.24
C ALA A 233 -19.50 -4.31 8.17
N PHE A 234 -18.72 -3.43 8.78
CA PHE A 234 -19.07 -2.03 8.76
C PHE A 234 -17.91 -1.06 8.89
N SER A 235 -18.17 0.19 8.53
CA SER A 235 -17.19 1.27 8.58
C SER A 235 -16.38 1.32 9.88
N VAL A 236 -15.07 1.51 9.74
CA VAL A 236 -14.19 1.58 10.89
C VAL A 236 -14.24 2.95 11.55
N LEU A 237 -13.68 3.05 12.75
CA LEU A 237 -13.75 4.29 13.50
C LEU A 237 -12.36 4.77 13.86
N SER A 238 -12.24 5.49 14.97
CA SER A 238 -10.95 6.00 15.40
C SER A 238 -9.99 4.86 15.60
N GLU A 239 -8.97 4.78 14.75
CA GLU A 239 -8.02 3.69 14.83
C GLU A 239 -7.23 3.69 16.12
N GLN A 240 -6.98 4.88 16.66
CA GLN A 240 -6.27 4.97 17.91
C GLN A 240 -7.07 4.31 19.02
N TRP A 241 -8.34 4.66 19.14
CA TRP A 241 -9.18 4.06 20.16
C TRP A 241 -9.34 2.57 19.93
N ILE A 242 -9.52 2.17 18.68
CA ILE A 242 -9.70 0.77 18.35
C ILE A 242 -8.55 -0.08 18.89
N PHE A 243 -7.32 0.34 18.64
CA PHE A 243 -6.17 -0.48 19.05
C PHE A 243 -6.04 -0.58 20.55
N ARG A 244 -6.42 0.47 21.26
CA ARG A 244 -6.29 0.46 22.69
C ARG A 244 -7.27 -0.51 23.32
N LEU A 245 -8.45 -0.63 22.74
CA LEU A 245 -9.43 -1.55 23.26
C LEU A 245 -9.03 -2.99 22.93
N TYR A 246 -8.41 -3.20 21.78
CA TYR A 246 -8.02 -4.54 21.38
C TYR A 246 -6.87 -5.08 22.21
N VAL A 247 -5.94 -4.22 22.58
CA VAL A 247 -4.79 -4.68 23.35
C VAL A 247 -5.16 -4.93 24.79
N SER A 248 -6.35 -4.48 25.20
CA SER A 248 -6.79 -4.72 26.55
C SER A 248 -7.52 -6.05 26.66
N ILE A 249 -8.17 -6.47 25.59
CA ILE A 249 -8.92 -7.72 25.60
C ILE A 249 -7.97 -8.90 25.56
N GLY A 250 -7.04 -8.90 24.62
CA GLY A 250 -6.16 -10.03 24.43
C GLY A 250 -5.19 -10.27 25.57
N TRP A 251 -4.74 -9.22 26.23
CA TRP A 251 -3.75 -9.37 27.30
C TRP A 251 -4.29 -9.24 28.71
N GLY A 252 -5.56 -8.91 28.90
CA GLY A 252 -6.06 -8.73 30.23
C GLY A 252 -7.32 -9.49 30.56
N VAL A 253 -8.15 -9.82 29.57
CA VAL A 253 -9.32 -10.65 29.83
C VAL A 253 -8.91 -12.04 30.30
N PRO A 254 -7.83 -12.66 29.81
CA PRO A 254 -7.34 -13.89 30.45
C PRO A 254 -7.21 -13.76 31.97
N LEU A 255 -6.59 -12.68 32.45
CA LEU A 255 -6.38 -12.51 33.89
C LEU A 255 -7.69 -12.56 34.65
N LEU A 256 -8.77 -12.02 34.06
CA LEU A 256 -10.06 -11.90 34.75
C LEU A 256 -10.62 -13.26 35.16
N PHE A 257 -10.21 -14.35 34.52
CA PHE A 257 -10.62 -15.67 34.94
C PHE A 257 -9.45 -16.58 35.33
N VAL A 258 -8.22 -16.16 35.09
CA VAL A 258 -7.07 -16.93 35.54
C VAL A 258 -6.71 -16.62 36.99
N VAL A 259 -6.77 -15.35 37.38
CA VAL A 259 -6.44 -14.96 38.75
C VAL A 259 -7.49 -15.50 39.71
N PRO A 260 -8.80 -15.41 39.41
CA PRO A 260 -9.76 -16.12 40.27
C PRO A 260 -9.51 -17.61 40.37
N TRP A 261 -9.07 -18.25 39.27
CA TRP A 261 -8.76 -19.67 39.34
C TRP A 261 -7.60 -19.94 40.29
N GLY A 262 -6.55 -19.11 40.20
CA GLY A 262 -5.45 -19.23 41.15
C GLY A 262 -5.89 -19.02 42.58
N ILE A 263 -6.83 -18.10 42.79
CA ILE A 263 -7.36 -17.86 44.14
C ILE A 263 -8.08 -19.10 44.65
N VAL A 264 -8.95 -19.68 43.83
CA VAL A 264 -9.68 -20.88 44.24
C VAL A 264 -8.73 -22.03 44.51
N LYS A 265 -7.71 -22.20 43.66
CA LYS A 265 -6.76 -23.28 43.87
C LYS A 265 -5.93 -23.06 45.12
N TYR A 266 -5.61 -21.80 45.42
CA TYR A 266 -4.82 -21.47 46.59
C TYR A 266 -5.71 -20.98 47.75
N LEU A 267 -7.01 -21.23 47.67
CA LEU A 267 -7.87 -20.92 48.83
C LEU A 267 -8.32 -22.24 49.43
N TYR A 268 -8.65 -23.21 48.58
CA TYR A 268 -9.18 -24.48 49.09
C TYR A 268 -8.31 -25.67 48.71
N GLU A 269 -8.27 -25.98 47.41
CA GLU A 269 -7.53 -27.15 46.95
C GLU A 269 -6.10 -27.22 47.46
N ASP A 270 -5.31 -26.18 47.20
CA ASP A 270 -3.92 -26.13 47.62
C ASP A 270 -3.17 -27.43 47.36
N GLU A 271 -3.33 -27.99 46.16
CA GLU A 271 -2.70 -29.26 45.88
C GLU A 271 -1.30 -29.16 45.32
N GLY A 272 -0.81 -30.24 44.72
CA GLY A 272 0.53 -30.25 44.18
C GLY A 272 0.74 -29.27 43.05
N CYS A 273 1.27 -28.08 43.35
CA CYS A 273 1.55 -27.07 42.34
C CYS A 273 0.44 -26.82 41.32
N TRP A 274 -0.79 -26.97 41.79
CA TRP A 274 -2.00 -26.72 41.00
C TRP A 274 -1.95 -27.46 39.66
N THR A 275 -1.60 -28.76 39.69
CA THR A 275 -1.45 -29.50 38.39
C THR A 275 -2.56 -30.54 38.18
N ARG A 276 -3.26 -30.93 39.25
CA ARG A 276 -4.31 -31.97 39.12
C ARG A 276 -5.71 -31.34 39.21
N ASN A 277 -6.48 -31.47 38.14
CA ASN A 277 -7.86 -30.98 38.11
C ASN A 277 -8.75 -31.93 38.92
N SER A 278 -8.58 -31.87 40.24
CA SER A 278 -9.35 -32.73 41.13
C SER A 278 -10.83 -32.35 41.09
N ASN A 279 -11.15 -31.11 41.43
CA ASN A 279 -12.51 -30.60 41.34
C ASN A 279 -12.75 -30.11 39.92
N MET A 280 -13.59 -30.81 39.17
CA MET A 280 -13.87 -30.43 37.79
C MET A 280 -14.68 -29.15 37.70
N ASN A 281 -15.30 -28.70 38.80
CA ASN A 281 -16.02 -27.44 38.77
C ASN A 281 -15.08 -26.24 38.77
N TYR A 282 -13.92 -26.37 39.41
CA TYR A 282 -12.95 -25.28 39.43
C TYR A 282 -12.15 -25.20 38.13
N TRP A 283 -12.10 -26.33 37.42
CA TRP A 283 -11.42 -26.44 36.10
C TRP A 283 -12.29 -25.68 35.10
N LEU A 284 -13.62 -25.71 35.30
CA LEU A 284 -14.54 -25.00 34.40
C LEU A 284 -14.27 -23.50 34.41
N ILE A 285 -13.72 -22.96 35.50
CA ILE A 285 -13.39 -21.54 35.57
C ILE A 285 -12.49 -21.14 34.41
N ILE A 286 -11.57 -22.02 34.02
CA ILE A 286 -10.72 -21.73 32.87
C ILE A 286 -11.30 -22.31 31.58
N ARG A 287 -11.96 -23.47 31.65
CA ARG A 287 -12.45 -24.10 30.43
C ARG A 287 -13.56 -23.30 29.77
N LEU A 288 -14.34 -22.54 30.54
CA LEU A 288 -15.50 -21.85 29.95
C LEU A 288 -15.09 -20.68 29.07
N PRO A 289 -14.26 -19.72 29.52
CA PRO A 289 -13.90 -18.61 28.62
C PRO A 289 -13.12 -19.06 27.40
N ILE A 290 -12.29 -20.10 27.52
CA ILE A 290 -11.58 -20.64 26.37
C ILE A 290 -12.58 -21.14 25.33
N LEU A 291 -13.59 -21.90 25.78
CA LEU A 291 -14.60 -22.40 24.87
C LEU A 291 -15.42 -21.27 24.25
N PHE A 292 -15.67 -20.21 25.03
CA PHE A 292 -16.38 -19.06 24.49
C PHE A 292 -15.58 -18.40 23.36
N ALA A 293 -14.28 -18.19 23.60
CA ALA A 293 -13.43 -17.61 22.56
C ALA A 293 -13.37 -18.51 21.33
N ILE A 294 -13.30 -19.83 21.54
CA ILE A 294 -13.24 -20.76 20.41
C ILE A 294 -14.55 -20.72 19.62
N GLY A 295 -15.68 -20.61 20.31
CA GLY A 295 -16.96 -20.54 19.60
C GLY A 295 -17.12 -19.26 18.80
N VAL A 296 -16.71 -18.12 19.38
CA VAL A 296 -16.78 -16.87 18.62
C VAL A 296 -15.83 -16.92 17.43
N ASN A 297 -14.65 -17.54 17.61
CA ASN A 297 -13.73 -17.68 16.49
C ASN A 297 -14.31 -18.56 15.39
N PHE A 298 -15.05 -19.60 15.77
CA PHE A 298 -15.66 -20.46 14.75
C PHE A 298 -16.77 -19.73 14.00
N LEU A 299 -17.58 -18.95 14.72
CA LEU A 299 -18.60 -18.16 14.05
C LEU A 299 -17.98 -17.15 13.10
N ILE A 300 -16.91 -16.48 13.54
CA ILE A 300 -16.23 -15.51 12.67
C ILE A 300 -15.64 -16.21 11.46
N PHE A 301 -15.42 -17.50 11.57
CA PHE A 301 -14.90 -18.25 10.42
C PHE A 301 -15.97 -18.72 9.44
N VAL A 302 -17.24 -18.71 9.82
CA VAL A 302 -18.26 -19.19 8.88
C VAL A 302 -18.92 -18.10 8.06
N ARG A 303 -18.93 -16.87 8.58
CA ARG A 303 -19.54 -15.76 7.87
C ARG A 303 -18.55 -15.02 7.02
N VAL A 304 -17.32 -15.50 6.96
CA VAL A 304 -16.30 -14.91 6.13
C VAL A 304 -16.10 -15.78 4.90
N ILE A 305 -16.55 -17.02 4.96
CA ILE A 305 -16.43 -17.91 3.83
C ILE A 305 -17.67 -17.81 2.98
N CYS A 306 -18.74 -17.28 3.54
CA CYS A 306 -19.95 -17.07 2.77
C CYS A 306 -19.59 -15.96 1.84
N ILE A 307 -19.11 -14.88 2.43
CA ILE A 307 -18.75 -13.71 1.66
C ILE A 307 -17.78 -14.06 0.57
N VAL A 308 -16.81 -14.92 0.86
CA VAL A 308 -15.84 -15.26 -0.17
C VAL A 308 -16.41 -16.09 -1.31
N VAL A 309 -17.46 -16.85 -1.06
CA VAL A 309 -18.05 -17.63 -2.14
C VAL A 309 -19.11 -16.82 -2.85
N SER A 310 -19.49 -15.69 -2.27
CA SER A 310 -20.49 -14.83 -2.88
C SER A 310 -19.82 -13.80 -3.76
N LYS A 311 -18.49 -13.78 -3.75
CA LYS A 311 -17.72 -12.85 -4.56
C LYS A 311 -17.01 -13.58 -5.68
N LEU A 312 -16.89 -14.90 -5.54
CA LEU A 312 -16.25 -15.70 -6.58
C LEU A 312 -17.31 -16.27 -7.49
N LYS A 313 -18.39 -16.74 -6.91
CA LYS A 313 -19.44 -17.35 -7.72
C LYS A 313 -20.07 -16.26 -8.53
N ALA A 314 -20.11 -15.07 -7.96
CA ALA A 314 -20.76 -13.97 -8.68
C ALA A 314 -19.71 -13.10 -9.35
N ASN A 315 -18.54 -13.65 -9.68
CA ASN A 315 -17.46 -12.82 -10.24
C ASN A 315 -17.63 -12.44 -11.70
N LEU A 316 -18.71 -11.72 -12.01
CA LEU A 316 -18.98 -11.28 -13.38
C LEU A 316 -18.88 -12.42 -14.38
N MET A 317 -17.77 -12.48 -15.12
CA MET A 317 -17.57 -13.58 -16.08
C MET A 317 -17.58 -14.91 -15.37
N CYS A 318 -16.87 -15.01 -14.24
CA CYS A 318 -16.85 -16.24 -13.43
C CYS A 318 -16.44 -17.53 -14.14
N LYS A 319 -15.13 -17.78 -14.19
CA LYS A 319 -14.68 -19.04 -14.76
C LYS A 319 -14.90 -20.07 -13.67
N THR A 320 -15.61 -21.15 -13.98
CA THR A 320 -15.94 -22.14 -12.96
C THR A 320 -14.68 -22.85 -12.46
N ASP A 321 -14.18 -22.43 -11.30
CA ASP A 321 -12.99 -23.05 -10.73
C ASP A 321 -13.10 -22.80 -9.25
N ILE A 322 -14.29 -22.40 -8.82
CA ILE A 322 -14.53 -22.14 -7.41
C ILE A 322 -14.16 -23.38 -6.62
N LYS A 323 -14.12 -24.52 -7.28
CA LYS A 323 -13.85 -25.77 -6.59
C LYS A 323 -12.38 -25.91 -6.19
N CYS A 324 -11.47 -25.29 -6.95
CA CYS A 324 -10.07 -25.34 -6.61
C CYS A 324 -9.54 -23.96 -6.27
N ARG A 325 -10.42 -22.99 -6.14
CA ARG A 325 -9.99 -21.64 -5.81
C ARG A 325 -10.44 -21.26 -4.42
N LEU A 326 -11.61 -21.75 -4.01
CA LEU A 326 -12.10 -21.47 -2.66
C LEU A 326 -11.67 -22.58 -1.70
N ALA A 327 -11.03 -23.60 -2.26
CA ALA A 327 -10.53 -24.70 -1.47
C ALA A 327 -9.19 -24.28 -0.89
N LYS A 328 -8.52 -23.34 -1.53
CA LYS A 328 -7.25 -22.85 -1.06
C LYS A 328 -7.47 -21.57 -0.27
N SER A 329 -8.72 -21.19 -0.05
CA SER A 329 -9.04 -20.00 0.73
C SER A 329 -9.77 -20.42 1.99
N THR A 330 -9.62 -21.67 2.37
CA THR A 330 -10.28 -22.17 3.57
C THR A 330 -9.16 -22.71 4.40
N LEU A 331 -8.15 -23.21 3.72
CA LEU A 331 -7.02 -23.79 4.42
C LEU A 331 -6.01 -22.74 4.80
N THR A 332 -6.31 -21.48 4.51
CA THR A 332 -5.42 -20.41 4.93
C THR A 332 -6.07 -19.69 6.08
N LEU A 333 -7.38 -19.86 6.24
CA LEU A 333 -8.09 -19.21 7.33
C LEU A 333 -8.13 -20.10 8.56
N ILE A 334 -7.97 -21.39 8.35
CA ILE A 334 -7.95 -22.32 9.48
C ILE A 334 -6.87 -22.03 10.53
N PRO A 335 -5.61 -21.88 10.12
CA PRO A 335 -4.66 -21.59 11.19
C PRO A 335 -4.81 -20.23 11.88
N LEU A 336 -5.15 -19.17 11.15
CA LEU A 336 -5.24 -17.83 11.74
C LEU A 336 -6.29 -17.72 12.82
N LEU A 337 -7.46 -18.31 12.59
CA LEU A 337 -8.53 -18.19 13.55
C LEU A 337 -8.57 -19.37 14.49
N GLY A 338 -7.65 -20.31 14.30
CA GLY A 338 -7.59 -21.47 15.18
C GLY A 338 -8.85 -22.28 15.11
N THR A 339 -9.27 -22.64 13.91
CA THR A 339 -10.53 -23.34 13.75
C THR A 339 -10.47 -24.82 14.11
N HIS A 340 -9.27 -25.39 14.20
CA HIS A 340 -9.19 -26.82 14.46
C HIS A 340 -9.58 -27.22 15.88
N GLU A 341 -9.60 -26.26 16.81
CA GLU A 341 -9.89 -26.59 18.20
C GLU A 341 -11.35 -26.93 18.41
N VAL A 342 -12.25 -26.40 17.57
CA VAL A 342 -13.69 -26.62 17.75
C VAL A 342 -14.10 -28.04 17.45
N ILE A 343 -13.23 -28.88 16.88
CA ILE A 343 -13.65 -30.23 16.49
C ILE A 343 -13.94 -31.19 17.65
N PHE A 344 -12.92 -31.56 18.40
CA PHE A 344 -13.10 -32.54 19.48
C PHE A 344 -13.39 -31.91 20.81
N ALA A 345 -12.74 -30.79 21.09
CA ALA A 345 -12.89 -30.16 22.41
C ALA A 345 -14.28 -29.71 22.73
N PHE A 346 -15.02 -29.24 21.73
CA PHE A 346 -16.33 -28.70 22.01
C PHE A 346 -17.30 -29.68 22.64
N VAL A 347 -17.13 -30.97 22.33
CA VAL A 347 -18.09 -31.92 22.84
C VAL A 347 -17.64 -32.61 24.13
N MET A 348 -16.61 -33.45 24.05
CA MET A 348 -16.16 -34.18 25.22
C MET A 348 -15.17 -33.39 26.05
N ASP A 349 -14.88 -33.87 27.24
CA ASP A 349 -13.98 -33.15 28.13
C ASP A 349 -13.51 -33.99 29.31
N GLU A 350 -14.46 -34.48 30.10
CA GLU A 350 -14.12 -35.29 31.26
C GLU A 350 -14.96 -36.55 31.27
N HIS A 351 -15.24 -37.09 30.09
CA HIS A 351 -16.08 -38.27 30.01
C HIS A 351 -15.33 -39.40 29.37
N ALA A 352 -14.91 -39.23 28.12
CA ALA A 352 -14.13 -40.25 27.44
C ALA A 352 -13.14 -40.90 28.38
N ARG A 353 -13.33 -42.17 28.69
CA ARG A 353 -12.34 -42.81 29.52
C ARG A 353 -11.60 -43.84 28.72
N GLY A 354 -11.95 -43.95 27.44
CA GLY A 354 -11.33 -44.95 26.59
C GLY A 354 -10.35 -44.36 25.59
N THR A 355 -10.01 -45.14 24.58
CA THR A 355 -9.11 -44.67 23.55
C THR A 355 -9.63 -43.38 22.99
N LEU A 356 -10.89 -43.07 23.27
CA LEU A 356 -11.48 -41.88 22.67
C LEU A 356 -10.62 -40.76 23.25
N ARG A 357 -10.47 -40.78 24.58
CA ARG A 357 -9.65 -39.84 25.29
C ARG A 357 -8.26 -39.77 24.67
N PHE A 358 -7.62 -40.91 24.44
CA PHE A 358 -6.29 -40.88 23.84
C PHE A 358 -6.33 -40.22 22.48
N ILE A 359 -7.31 -40.55 21.67
CA ILE A 359 -7.43 -39.94 20.36
C ILE A 359 -7.58 -38.45 20.50
N LYS A 360 -8.46 -38.03 21.39
CA LYS A 360 -8.68 -36.60 21.61
C LYS A 360 -7.38 -35.92 21.99
N LEU A 361 -6.67 -36.49 22.94
CA LEU A 361 -5.41 -35.94 23.37
C LEU A 361 -4.47 -35.87 22.20
N PHE A 362 -4.37 -36.94 21.44
CA PHE A 362 -3.46 -36.95 20.32
C PHE A 362 -3.78 -36.01 19.19
N THR A 363 -5.05 -35.80 18.91
CA THR A 363 -5.44 -34.95 17.79
C THR A 363 -5.38 -33.46 18.03
N GLU A 364 -5.13 -33.07 19.27
CA GLU A 364 -5.07 -31.65 19.66
C GLU A 364 -3.67 -31.17 19.93
N LEU A 365 -2.96 -31.88 20.79
CA LEU A 365 -1.59 -31.52 21.12
C LEU A 365 -0.75 -31.40 19.87
N SER A 366 -0.84 -32.42 19.02
CA SER A 366 -0.10 -32.44 17.77
C SER A 366 -0.35 -31.18 16.96
N PHE A 367 -1.61 -30.91 16.64
CA PHE A 367 -1.96 -29.75 15.83
C PHE A 367 -1.58 -28.42 16.45
N THR A 368 -2.00 -28.17 17.69
CA THR A 368 -1.75 -26.88 18.33
C THR A 368 -0.27 -26.57 18.43
N SER A 369 0.55 -27.58 18.66
CA SER A 369 1.97 -27.35 18.73
C SER A 369 2.52 -26.85 17.42
N PHE A 370 2.04 -27.38 16.31
CA PHE A 370 2.54 -26.98 15.00
C PHE A 370 1.80 -25.78 14.41
N GLN A 371 0.77 -25.29 15.10
CA GLN A 371 -0.02 -24.17 14.60
C GLN A 371 0.82 -22.94 14.40
N GLY A 372 1.72 -22.69 15.34
CA GLY A 372 2.56 -21.52 15.25
C GLY A 372 3.38 -21.49 14.00
N LEU A 373 3.93 -22.63 13.59
CA LEU A 373 4.75 -22.70 12.41
C LEU A 373 3.98 -22.29 11.17
N MET A 374 2.75 -22.76 11.05
CA MET A 374 1.93 -22.44 9.90
C MET A 374 1.51 -20.98 9.87
N VAL A 375 1.11 -20.45 11.02
CA VAL A 375 0.71 -19.05 11.07
C VAL A 375 1.92 -18.17 10.81
N ALA A 376 3.12 -18.70 10.89
CA ALA A 376 4.31 -17.91 10.58
C ALA A 376 4.69 -17.96 9.12
N ILE A 377 4.33 -19.03 8.42
CA ILE A 377 4.64 -19.14 7.01
C ILE A 377 3.62 -18.38 6.21
N LEU A 378 2.36 -18.80 6.29
CA LEU A 378 1.32 -18.20 5.48
C LEU A 378 1.15 -16.72 5.68
N TYR A 379 1.29 -16.24 6.91
CA TYR A 379 1.03 -14.83 7.17
C TYR A 379 2.24 -13.94 7.28
N CYS A 380 3.40 -14.44 6.84
CA CYS A 380 4.60 -13.63 6.85
C CYS A 380 5.57 -14.06 5.76
N PHE A 381 6.12 -15.26 5.88
CA PHE A 381 7.14 -15.70 4.93
C PHE A 381 6.65 -15.74 3.49
N VAL A 382 5.50 -16.36 3.25
CA VAL A 382 5.01 -16.51 1.88
C VAL A 382 4.15 -15.33 1.41
N ASN A 383 3.74 -14.45 2.34
CA ASN A 383 2.87 -13.34 1.98
C ASN A 383 3.61 -12.46 1.01
N ASN A 384 3.15 -12.38 -0.23
CA ASN A 384 3.89 -11.61 -1.24
C ASN A 384 4.32 -10.16 -0.92
N GLU A 385 3.52 -9.41 -0.18
CA GLU A 385 3.88 -8.06 0.19
C GLU A 385 5.19 -8.06 0.95
N VAL A 386 5.35 -8.98 1.91
CA VAL A 386 6.57 -9.04 2.69
C VAL A 386 7.72 -9.40 1.77
N GLN A 387 7.41 -10.07 0.67
CA GLN A 387 8.45 -10.41 -0.29
C GLN A 387 9.00 -9.19 -1.02
N LEU A 388 8.19 -8.15 -1.13
CA LEU A 388 8.66 -6.95 -1.80
C LEU A 388 9.65 -6.18 -0.95
N GLU A 389 9.60 -6.36 0.36
CA GLU A 389 10.55 -5.70 1.21
C GLU A 389 11.91 -6.24 0.89
N PHE A 390 12.00 -7.55 0.79
CA PHE A 390 13.26 -8.21 0.47
C PHE A 390 13.85 -7.84 -0.88
N ARG A 391 13.17 -8.20 -1.96
CA ARG A 391 13.66 -7.92 -3.32
C ARG A 391 14.12 -6.49 -3.53
N LYS A 392 13.26 -5.54 -3.18
CA LYS A 392 13.58 -4.13 -3.31
C LYS A 392 14.85 -3.84 -2.56
N SER A 393 14.88 -4.17 -1.27
CA SER A 393 16.06 -3.91 -0.48
C SER A 393 17.27 -4.65 -1.03
N TRP A 394 17.08 -5.90 -1.42
CA TRP A 394 18.19 -6.66 -1.96
C TRP A 394 18.71 -5.96 -3.21
N GLU A 395 17.79 -5.58 -4.10
CA GLU A 395 18.17 -4.90 -5.33
C GLU A 395 18.77 -3.52 -5.02
N ARG A 396 18.22 -2.86 -3.99
CA ARG A 396 18.72 -1.57 -3.56
C ARG A 396 20.16 -1.81 -3.19
N TRP A 397 20.39 -2.77 -2.31
CA TRP A 397 21.74 -3.06 -1.88
C TRP A 397 22.61 -3.50 -3.04
N ARG A 398 21.99 -3.91 -4.15
CA ARG A 398 22.75 -4.39 -5.29
C ARG A 398 23.36 -3.30 -6.17
N LEU A 399 23.03 -2.05 -5.93
CA LEU A 399 23.60 -0.96 -6.71
C LEU A 399 24.94 -0.57 -6.13
N GLU A 400 25.17 -0.93 -4.88
CA GLU A 400 26.41 -0.63 -4.17
C GLU A 400 26.78 0.82 -4.27
N THR B 4 18.68 31.02 28.08
CA THR B 4 17.29 30.73 27.77
C THR B 4 17.18 29.92 26.50
N LEU B 5 18.23 29.18 26.16
CA LEU B 5 18.18 28.33 24.99
C LEU B 5 17.08 27.32 25.23
N SER B 6 17.10 26.68 26.40
CA SER B 6 16.08 25.72 26.73
C SER B 6 14.70 26.38 26.70
N ALA B 7 14.59 27.59 27.21
CA ALA B 7 13.31 28.29 27.20
C ALA B 7 12.77 28.50 25.80
N GLU B 8 13.64 28.93 24.89
CA GLU B 8 13.23 29.15 23.51
C GLU B 8 12.91 27.82 22.85
N ASP B 9 13.74 26.83 23.09
CA ASP B 9 13.50 25.52 22.52
C ASP B 9 12.17 25.00 23.03
N LYS B 10 11.85 25.28 24.29
CA LYS B 10 10.62 24.79 24.86
C LYS B 10 9.43 25.47 24.21
N ALA B 11 9.55 26.75 23.91
CA ALA B 11 8.48 27.46 23.23
C ALA B 11 8.22 26.81 21.90
N ALA B 12 9.27 26.54 21.15
CA ALA B 12 9.12 25.91 19.85
C ALA B 12 8.58 24.50 19.93
N VAL B 13 9.00 23.75 20.93
CA VAL B 13 8.54 22.38 21.07
C VAL B 13 7.06 22.40 21.40
N GLU B 14 6.66 23.30 22.27
CA GLU B 14 5.24 23.42 22.61
C GLU B 14 4.45 23.74 21.35
N ARG B 15 4.95 24.64 20.53
CA ARG B 15 4.26 24.99 19.30
C ARG B 15 4.10 23.79 18.41
N SER B 16 5.18 23.04 18.21
CA SER B 16 5.13 21.86 17.35
C SER B 16 4.13 20.83 17.82
N LYS B 17 3.88 20.77 19.11
CA LYS B 17 2.92 19.83 19.66
C LYS B 17 1.51 20.31 19.46
N MET B 18 1.31 21.62 19.42
CA MET B 18 0.00 22.15 19.16
C MET B 18 -0.37 21.86 17.70
N ILE B 19 0.51 22.21 16.78
CA ILE B 19 0.21 22.01 15.37
C ILE B 19 0.27 20.55 15.03
N GLU B 20 0.46 19.70 16.03
CA GLU B 20 0.37 18.26 15.79
C GLU B 20 -0.95 17.67 16.23
N LYS B 21 -1.53 18.18 17.31
CA LYS B 21 -2.85 17.72 17.74
C LYS B 21 -3.91 18.01 16.68
N GLN B 22 -3.81 19.15 16.00
CA GLN B 22 -4.76 19.47 14.94
C GLN B 22 -4.63 18.49 13.78
N LEU B 23 -3.41 18.15 13.40
CA LEU B 23 -3.20 17.16 12.34
C LEU B 23 -3.74 15.80 12.76
N GLN B 24 -3.52 15.42 14.03
CA GLN B 24 -4.05 14.14 14.51
C GLN B 24 -5.57 14.13 14.45
N LYS B 25 -6.21 15.25 14.82
CA LYS B 25 -7.66 15.32 14.74
C LYS B 25 -8.16 15.27 13.30
N ASP B 26 -7.45 15.92 12.37
CA ASP B 26 -7.87 15.94 10.98
C ASP B 26 -7.59 14.63 10.25
N LYS B 27 -6.67 13.81 10.77
CA LYS B 27 -6.39 12.52 10.13
C LYS B 27 -7.61 11.61 10.15
N GLN B 28 -8.32 11.55 11.27
CA GLN B 28 -9.50 10.70 11.37
C GLN B 28 -10.69 11.23 10.58
N VAL B 29 -10.67 12.50 10.19
CA VAL B 29 -11.70 13.08 9.35
C VAL B 29 -11.39 12.86 7.87
N TYR B 30 -10.11 12.93 7.50
CA TYR B 30 -9.73 12.70 6.11
C TYR B 30 -10.02 11.26 5.67
N ARG B 31 -9.78 10.29 6.54
CA ARG B 31 -9.92 8.89 6.20
C ARG B 31 -11.34 8.36 6.35
N ALA B 32 -12.27 9.20 6.79
CA ALA B 32 -13.66 8.78 7.00
C ALA B 32 -14.58 9.23 5.86
N THR B 33 -14.01 9.66 4.74
CA THR B 33 -14.81 10.13 3.61
C THR B 33 -14.26 9.53 2.33
N HIS B 34 -15.13 9.46 1.33
CA HIS B 34 -14.80 8.87 0.03
C HIS B 34 -14.84 9.95 -1.05
N ARG B 35 -13.84 9.95 -1.91
CA ARG B 35 -13.72 10.90 -3.01
C ARG B 35 -14.04 10.20 -4.32
N LEU B 36 -14.95 10.79 -5.10
CA LEU B 36 -15.33 10.28 -6.40
C LEU B 36 -14.91 11.25 -7.50
N LEU B 37 -15.04 10.81 -8.74
CA LEU B 37 -14.74 11.66 -9.89
C LEU B 37 -15.77 11.36 -10.97
N LEU B 38 -16.63 12.34 -11.25
CA LEU B 38 -17.69 12.18 -12.23
C LEU B 38 -17.32 12.95 -13.50
N LEU B 39 -17.28 12.26 -14.62
CA LEU B 39 -16.95 12.87 -15.90
C LEU B 39 -17.81 12.23 -16.99
N GLY B 40 -18.28 13.05 -17.93
CA GLY B 40 -19.13 12.57 -18.99
C GLY B 40 -18.87 13.26 -20.32
N ALA B 41 -19.95 13.69 -20.99
CA ALA B 41 -19.85 14.37 -22.28
C ALA B 41 -20.71 15.63 -22.24
N ASP B 42 -20.61 16.43 -23.30
CA ASP B 42 -21.37 17.67 -23.36
C ASP B 42 -22.87 17.41 -23.37
N ASN B 43 -23.31 16.39 -24.09
CA ASN B 43 -24.72 16.00 -24.14
C ASN B 43 -24.87 14.55 -23.66
N SER B 44 -24.88 14.40 -22.33
CA SER B 44 -25.00 13.08 -21.72
C SER B 44 -25.88 13.07 -20.48
N GLY B 45 -26.55 14.17 -20.14
CA GLY B 45 -27.30 14.21 -18.91
C GLY B 45 -26.44 14.33 -17.67
N LYS B 46 -25.17 14.64 -17.82
CA LYS B 46 -24.32 14.69 -16.64
C LYS B 46 -24.84 15.61 -15.57
N SER B 47 -25.00 16.88 -15.94
CA SER B 47 -25.48 17.92 -15.03
C SER B 47 -26.70 17.54 -14.21
N THR B 48 -27.74 17.07 -14.89
CA THR B 48 -28.99 16.68 -14.21
C THR B 48 -28.77 15.72 -13.07
N ILE B 49 -27.96 14.70 -13.28
CA ILE B 49 -27.66 13.73 -12.23
C ILE B 49 -27.03 14.44 -11.03
N VAL B 50 -26.12 15.37 -11.27
CA VAL B 50 -25.45 16.08 -10.18
C VAL B 50 -26.47 16.90 -9.42
N LYS B 51 -27.45 17.42 -10.13
CA LYS B 51 -28.47 18.25 -9.49
C LYS B 51 -29.40 17.47 -8.56
N GLN B 52 -29.66 16.21 -8.85
CA GLN B 52 -30.53 15.45 -7.96
C GLN B 52 -29.83 14.81 -6.78
N MET B 53 -28.56 15.11 -6.55
CA MET B 53 -27.90 14.61 -5.35
C MET B 53 -28.00 15.72 -4.32
N ARG B 54 -28.46 16.88 -4.75
CA ARG B 54 -28.64 17.98 -3.83
C ARG B 54 -29.75 17.64 -2.86
N ILE B 55 -30.70 16.83 -3.31
CA ILE B 55 -31.81 16.45 -2.46
C ILE B 55 -31.36 15.52 -1.33
N TYR B 56 -30.12 15.03 -1.40
CA TYR B 56 -29.61 14.21 -0.32
C TYR B 56 -28.70 14.98 0.60
N HIS B 57 -28.60 16.29 0.37
CA HIS B 57 -27.81 17.14 1.26
C HIS B 57 -28.24 18.60 1.12
N GLN B 171 -24.67 36.66 9.09
CA GLN B 171 -24.94 36.09 7.77
C GLN B 171 -24.34 34.69 7.65
N GLN B 172 -25.19 33.70 7.42
CA GLN B 172 -24.75 32.32 7.28
C GLN B 172 -24.49 31.97 5.82
N ASP B 173 -24.51 30.68 5.51
CA ASP B 173 -24.28 30.20 4.16
C ASP B 173 -25.56 29.69 3.51
N VAL B 174 -25.90 30.23 2.35
CA VAL B 174 -27.11 29.81 1.63
C VAL B 174 -26.82 29.90 0.14
N LEU B 175 -26.96 28.79 -0.57
CA LEU B 175 -26.69 28.76 -2.02
C LEU B 175 -25.40 29.45 -2.39
N ARG B 176 -24.29 29.02 -1.79
CA ARG B 176 -23.00 29.66 -2.03
C ARG B 176 -22.63 29.67 -3.51
N THR B 177 -22.62 30.85 -4.10
CA THR B 177 -22.28 30.96 -5.52
C THR B 177 -21.08 31.88 -5.68
N ARG B 178 -19.94 31.31 -6.07
CA ARG B 178 -18.74 32.11 -6.21
C ARG B 178 -18.49 32.53 -7.66
N VAL B 179 -17.23 32.75 -8.00
CA VAL B 179 -16.88 33.17 -9.35
C VAL B 179 -16.86 31.96 -10.29
N LYS B 180 -16.98 32.19 -11.59
CA LYS B 180 -16.90 31.10 -12.55
C LYS B 180 -15.49 30.53 -12.53
N THR B 181 -15.33 29.36 -11.93
CA THR B 181 -14.01 28.76 -11.82
C THR B 181 -14.09 27.26 -12.10
N SER B 182 -12.98 26.55 -11.98
CA SER B 182 -12.94 25.11 -12.23
C SER B 182 -13.13 24.27 -10.99
N GLY B 183 -13.19 22.95 -11.14
CA GLY B 183 -13.32 22.06 -10.01
C GLY B 183 -14.56 22.32 -9.18
N ILE B 184 -15.72 22.26 -9.82
CA ILE B 184 -16.96 22.48 -9.11
C ILE B 184 -17.32 21.29 -8.26
N PHE B 185 -17.06 21.38 -6.96
CA PHE B 185 -17.36 20.29 -6.04
C PHE B 185 -18.83 20.35 -5.70
N GLU B 186 -19.45 19.21 -5.46
CA GLU B 186 -20.89 19.18 -5.20
C GLU B 186 -21.27 19.50 -3.78
N THR B 187 -22.42 18.99 -3.35
CA THR B 187 -22.91 19.31 -2.02
C THR B 187 -22.45 18.40 -0.89
N LYS B 188 -21.26 17.81 -1.01
CA LYS B 188 -20.74 16.94 0.03
C LYS B 188 -21.86 16.00 0.41
N PHE B 189 -22.60 15.54 -0.59
CA PHE B 189 -23.75 14.69 -0.36
C PHE B 189 -23.35 13.45 0.42
N GLN B 190 -24.25 12.98 1.28
CA GLN B 190 -23.98 11.82 2.11
C GLN B 190 -25.21 10.94 2.22
N VAL B 191 -24.98 9.64 2.37
CA VAL B 191 -26.07 8.69 2.50
C VAL B 191 -25.71 7.64 3.52
N ASP B 192 -26.70 7.15 4.26
CA ASP B 192 -26.50 6.09 5.25
C ASP B 192 -25.37 6.43 6.22
N LYS B 193 -25.31 7.70 6.63
CA LYS B 193 -24.37 8.16 7.66
C LYS B 193 -22.92 7.93 7.27
N VAL B 194 -22.61 8.08 5.98
CA VAL B 194 -21.23 8.12 5.51
C VAL B 194 -21.13 9.20 4.45
N ASN B 195 -20.06 9.99 4.51
CA ASN B 195 -19.89 11.16 3.65
C ASN B 195 -19.23 10.78 2.33
N PHE B 196 -19.74 11.37 1.24
CA PHE B 196 -19.19 11.19 -0.08
C PHE B 196 -18.82 12.55 -0.66
N HIS B 197 -17.70 12.65 -1.37
CA HIS B 197 -17.33 13.88 -2.03
C HIS B 197 -17.31 13.58 -3.51
N MET B 198 -17.88 14.43 -4.34
CA MET B 198 -17.82 14.20 -5.78
C MET B 198 -17.30 15.42 -6.50
N PHE B 199 -16.38 15.24 -7.42
CA PHE B 199 -15.78 16.38 -8.06
C PHE B 199 -16.10 16.49 -9.53
N ASP B 200 -16.97 17.41 -9.89
CA ASP B 200 -17.34 17.62 -11.27
C ASP B 200 -16.43 18.63 -11.93
N VAL B 201 -15.55 18.17 -12.79
CA VAL B 201 -14.61 19.03 -13.50
C VAL B 201 -15.37 19.90 -14.50
N GLY B 202 -15.02 21.17 -14.55
CA GLY B 202 -15.67 22.09 -15.47
C GLY B 202 -14.81 23.31 -15.70
N ALA B 203 -15.19 24.09 -16.70
CA ALA B 203 -14.48 25.32 -17.07
C ALA B 203 -13.01 25.04 -17.35
N GLN B 204 -12.72 23.91 -17.99
CA GLN B 204 -11.38 23.50 -18.33
C GLN B 204 -11.22 23.44 -19.85
N ARG B 205 -10.02 23.10 -20.29
CA ARG B 205 -9.73 23.00 -21.71
C ARG B 205 -10.00 21.59 -22.21
N ASP B 206 -9.99 21.43 -23.53
CA ASP B 206 -10.35 20.15 -24.14
C ASP B 206 -9.41 19.04 -23.72
N GLU B 207 -8.11 19.30 -23.74
CA GLU B 207 -7.13 18.28 -23.40
C GLU B 207 -7.19 17.96 -21.91
N ARG B 208 -7.14 16.66 -21.59
CA ARG B 208 -7.24 16.21 -20.21
C ARG B 208 -6.24 15.11 -19.90
N ARG B 209 -5.15 15.03 -20.64
CA ARG B 209 -4.15 13.98 -20.44
C ARG B 209 -3.13 14.34 -19.37
N LYS B 210 -3.23 15.52 -18.76
CA LYS B 210 -2.27 15.95 -17.75
C LYS B 210 -2.88 16.11 -16.37
N TRP B 211 -4.05 16.75 -16.25
CA TRP B 211 -4.67 16.91 -14.94
C TRP B 211 -5.41 15.67 -14.48
N ILE B 212 -5.55 14.65 -15.33
CA ILE B 212 -6.19 13.41 -14.91
C ILE B 212 -5.34 12.65 -13.90
N GLN B 213 -4.06 12.98 -13.80
CA GLN B 213 -3.19 12.27 -12.85
C GLN B 213 -3.53 12.57 -11.40
N CYS B 214 -4.22 13.68 -11.13
CA CYS B 214 -4.54 14.04 -9.75
C CYS B 214 -5.44 13.01 -9.11
N PHE B 215 -6.44 12.52 -9.84
CA PHE B 215 -7.40 11.56 -9.31
C PHE B 215 -6.90 10.12 -9.43
N ASN B 216 -5.70 9.86 -8.90
CA ASN B 216 -5.12 8.53 -8.93
C ASN B 216 -5.41 7.71 -7.68
N ASP B 217 -6.09 8.30 -6.68
CA ASP B 217 -6.37 7.60 -5.45
C ASP B 217 -7.82 7.75 -5.03
N VAL B 218 -8.71 8.06 -5.98
CA VAL B 218 -10.12 8.17 -5.67
C VAL B 218 -10.73 6.79 -5.50
N THR B 219 -11.87 6.73 -4.80
CA THR B 219 -12.52 5.45 -4.56
C THR B 219 -13.03 4.84 -5.86
N ALA B 220 -13.66 5.64 -6.72
CA ALA B 220 -14.22 5.12 -7.96
C ALA B 220 -14.39 6.29 -8.93
N ILE B 221 -14.59 5.94 -10.20
CA ILE B 221 -14.83 6.92 -11.26
C ILE B 221 -16.19 6.62 -11.88
N ILE B 222 -17.03 7.65 -11.98
CA ILE B 222 -18.38 7.50 -12.53
C ILE B 222 -18.34 7.95 -13.99
N PHE B 223 -18.76 7.06 -14.89
CA PHE B 223 -18.80 7.34 -16.32
C PHE B 223 -20.23 7.31 -16.79
N VAL B 224 -20.64 8.34 -17.52
CA VAL B 224 -22.00 8.48 -18.02
C VAL B 224 -21.98 8.42 -19.54
N VAL B 225 -22.81 7.57 -20.11
CA VAL B 225 -22.85 7.34 -21.55
C VAL B 225 -24.24 7.69 -22.06
N ASP B 226 -24.30 8.49 -23.14
CA ASP B 226 -25.56 8.83 -23.79
C ASP B 226 -25.89 7.74 -24.80
N SER B 227 -26.64 6.74 -24.36
CA SER B 227 -27.00 5.60 -25.21
C SER B 227 -28.31 5.85 -25.95
N SER B 228 -28.45 6.99 -26.58
CA SER B 228 -29.67 7.25 -27.32
C SER B 228 -29.28 7.88 -28.64
N ASP B 229 -28.16 8.57 -28.62
CA ASP B 229 -27.66 9.16 -29.84
C ASP B 229 -26.72 8.14 -30.48
N TYR B 230 -27.21 7.41 -31.48
CA TYR B 230 -26.40 6.40 -32.13
C TYR B 230 -25.17 6.94 -32.82
N ASN B 231 -25.29 8.13 -33.39
CA ASN B 231 -24.18 8.75 -34.11
C ASN B 231 -22.86 8.77 -33.36
N ARG B 232 -22.90 9.28 -32.14
CA ARG B 232 -21.68 9.44 -31.34
C ARG B 232 -21.43 8.35 -30.34
N LEU B 233 -22.23 7.30 -30.38
CA LEU B 233 -22.06 6.20 -29.46
C LEU B 233 -20.67 5.60 -29.59
N GLN B 234 -20.24 5.37 -30.82
CA GLN B 234 -18.94 4.78 -31.07
C GLN B 234 -17.76 5.66 -30.66
N GLU B 235 -17.94 6.98 -30.65
CA GLU B 235 -16.90 7.89 -30.26
C GLU B 235 -16.79 7.95 -28.74
N ALA B 236 -17.87 7.60 -28.06
CA ALA B 236 -17.88 7.55 -26.61
C ALA B 236 -17.24 6.25 -26.17
N LEU B 237 -17.30 5.25 -27.02
CA LEU B 237 -16.73 3.95 -26.72
C LEU B 237 -15.24 4.03 -26.52
N ASN B 238 -14.57 4.83 -27.33
CA ASN B 238 -13.12 4.94 -27.25
C ASN B 238 -12.62 5.50 -25.93
N ASP B 239 -13.23 6.57 -25.47
CA ASP B 239 -12.85 7.22 -24.22
C ASP B 239 -12.83 6.22 -23.07
N PHE B 240 -13.82 5.32 -23.03
CA PHE B 240 -13.86 4.29 -21.99
C PHE B 240 -12.66 3.35 -22.12
N LYS B 241 -12.29 2.99 -23.35
CA LYS B 241 -11.12 2.15 -23.56
C LYS B 241 -9.84 2.86 -23.15
N SER B 242 -9.74 4.16 -23.47
CA SER B 242 -8.53 4.91 -23.13
C SER B 242 -8.38 5.07 -21.62
N ILE B 243 -9.47 5.32 -20.91
CA ILE B 243 -9.38 5.50 -19.47
C ILE B 243 -9.15 4.17 -18.77
N TRP B 244 -9.53 3.05 -19.40
CA TRP B 244 -9.41 1.75 -18.78
C TRP B 244 -7.95 1.30 -18.70
N ASN B 245 -7.15 1.62 -19.71
CA ASN B 245 -5.80 1.10 -19.82
C ASN B 245 -4.73 2.07 -19.33
N ASN B 246 -5.12 3.21 -18.77
CA ASN B 246 -4.13 4.19 -18.33
C ASN B 246 -3.33 3.65 -17.16
N ARG B 247 -2.04 3.98 -17.14
CA ARG B 247 -1.14 3.46 -16.11
C ARG B 247 -1.52 3.99 -14.73
N TRP B 248 -1.84 5.29 -14.66
CA TRP B 248 -2.25 5.86 -13.38
C TRP B 248 -3.64 5.37 -12.97
N LEU B 249 -4.57 5.33 -13.91
CA LEU B 249 -5.92 4.84 -13.65
C LEU B 249 -6.02 3.34 -13.95
N ARG B 250 -5.12 2.57 -13.35
CA ARG B 250 -5.01 1.15 -13.62
C ARG B 250 -5.51 0.29 -12.47
N THR B 251 -5.54 0.80 -11.24
CA THR B 251 -6.09 0.11 -10.10
C THR B 251 -7.39 0.74 -9.60
N ILE B 252 -7.99 1.62 -10.39
CA ILE B 252 -9.20 2.33 -10.01
C ILE B 252 -10.36 1.77 -10.83
N SER B 253 -11.36 1.22 -10.15
CA SER B 253 -12.53 0.69 -10.82
C SER B 253 -13.43 1.82 -11.30
N VAL B 254 -14.25 1.53 -12.31
CA VAL B 254 -15.12 2.51 -12.94
C VAL B 254 -16.56 2.03 -12.85
N ILE B 255 -17.48 2.95 -12.60
CA ILE B 255 -18.91 2.67 -12.56
C ILE B 255 -19.53 3.22 -13.84
N LEU B 256 -20.31 2.39 -14.53
CA LEU B 256 -20.88 2.74 -15.82
C LEU B 256 -22.36 3.05 -15.65
N PHE B 257 -22.78 4.21 -16.18
CA PHE B 257 -24.18 4.62 -16.17
C PHE B 257 -24.62 4.80 -17.61
N LEU B 258 -25.71 4.13 -17.99
CA LEU B 258 -26.30 4.26 -19.32
C LEU B 258 -27.54 5.13 -19.17
N ASN B 259 -27.39 6.42 -19.42
CA ASN B 259 -28.44 7.39 -19.20
C ASN B 259 -29.39 7.47 -20.40
N LYS B 260 -30.53 8.13 -20.17
CA LYS B 260 -31.54 8.36 -21.20
C LYS B 260 -32.02 7.05 -21.81
N GLN B 261 -32.47 6.13 -20.95
CA GLN B 261 -33.02 4.88 -21.43
C GLN B 261 -34.41 5.08 -22.03
N ASP B 262 -35.13 6.12 -21.61
CA ASP B 262 -36.45 6.38 -22.16
C ASP B 262 -36.37 6.72 -23.64
N LEU B 263 -35.40 7.54 -24.04
CA LEU B 263 -35.32 7.97 -25.44
C LEU B 263 -34.92 6.82 -26.35
N LEU B 264 -34.32 5.78 -25.79
CA LEU B 264 -33.95 4.63 -26.59
C LEU B 264 -35.21 3.96 -27.09
N ALA B 265 -36.14 3.74 -26.17
CA ALA B 265 -37.38 3.10 -26.55
C ALA B 265 -37.94 3.71 -27.80
N GLU B 266 -38.36 4.96 -27.70
CA GLU B 266 -38.93 5.63 -28.86
C GLU B 266 -38.17 5.30 -30.11
N LYS B 267 -36.87 5.52 -30.10
CA LYS B 267 -36.07 5.27 -31.28
C LYS B 267 -36.42 3.95 -31.94
N VAL B 268 -36.13 2.84 -31.27
CA VAL B 268 -36.37 1.54 -31.86
C VAL B 268 -37.81 1.37 -32.32
N LEU B 269 -38.69 2.21 -31.81
CA LEU B 269 -40.12 2.10 -32.14
C LEU B 269 -40.51 2.97 -33.34
N ALA B 270 -39.74 4.00 -33.60
CA ALA B 270 -40.03 4.84 -34.73
C ALA B 270 -39.61 4.10 -35.98
N GLY B 271 -39.55 4.82 -37.10
CA GLY B 271 -39.16 4.22 -38.35
C GLY B 271 -37.65 4.27 -38.48
N LYS B 272 -37.15 5.45 -38.82
CA LYS B 272 -35.72 5.64 -38.98
C LYS B 272 -34.96 5.22 -37.74
N SER B 273 -34.49 3.98 -37.75
CA SER B 273 -33.73 3.45 -36.63
C SER B 273 -32.40 2.99 -37.17
N LYS B 274 -32.40 1.78 -37.72
CA LYS B 274 -31.21 1.17 -38.30
C LYS B 274 -30.03 1.24 -37.34
N ILE B 275 -30.11 0.49 -36.26
CA ILE B 275 -29.04 0.48 -35.26
C ILE B 275 -27.82 -0.35 -35.67
N GLU B 276 -27.96 -1.16 -36.72
CA GLU B 276 -26.85 -1.95 -37.24
C GLU B 276 -26.13 -1.21 -38.37
N ASP B 277 -26.56 0.01 -38.64
CA ASP B 277 -25.97 0.82 -39.68
C ASP B 277 -24.54 1.18 -39.32
N TYR B 278 -24.35 1.66 -38.09
CA TYR B 278 -23.02 2.05 -37.65
C TYR B 278 -22.37 0.91 -36.89
N PHE B 279 -23.11 -0.18 -36.75
CA PHE B 279 -22.65 -1.36 -36.06
C PHE B 279 -23.18 -2.58 -36.76
N PRO B 280 -22.46 -3.09 -37.81
CA PRO B 280 -23.07 -4.27 -38.42
C PRO B 280 -22.65 -5.54 -37.75
N GLU B 281 -22.96 -5.67 -36.47
CA GLU B 281 -22.65 -6.89 -35.73
C GLU B 281 -23.92 -7.23 -35.01
N PHE B 282 -24.86 -6.30 -35.05
CA PHE B 282 -26.14 -6.52 -34.39
C PHE B 282 -26.89 -7.63 -35.10
N ALA B 283 -26.64 -7.81 -36.38
CA ALA B 283 -27.35 -8.82 -37.16
C ALA B 283 -27.39 -10.21 -36.51
N ARG B 284 -26.27 -10.67 -35.97
CA ARG B 284 -26.22 -11.99 -35.37
C ARG B 284 -26.44 -12.00 -33.87
N TYR B 285 -26.57 -10.83 -33.26
CA TYR B 285 -26.71 -10.75 -31.82
C TYR B 285 -27.97 -11.40 -31.30
N THR B 286 -27.82 -12.29 -30.33
CA THR B 286 -28.99 -12.90 -29.70
C THR B 286 -29.00 -12.45 -28.26
N THR B 287 -30.17 -12.41 -27.63
CA THR B 287 -30.25 -11.89 -26.28
C THR B 287 -29.65 -12.87 -25.30
N PRO B 288 -28.74 -12.39 -24.37
CA PRO B 288 -28.23 -13.42 -23.45
C PRO B 288 -29.33 -14.10 -22.63
N GLU B 289 -29.14 -15.37 -22.32
CA GLU B 289 -30.12 -16.10 -21.54
C GLU B 289 -30.16 -15.59 -20.12
N ASP B 290 -29.00 -15.24 -19.58
CA ASP B 290 -28.92 -14.74 -18.22
C ASP B 290 -29.59 -13.40 -18.05
N ALA B 291 -29.72 -12.65 -19.14
CA ALA B 291 -30.34 -11.34 -19.09
C ALA B 291 -31.69 -11.41 -18.43
N THR B 292 -31.85 -10.63 -17.36
CA THR B 292 -33.13 -10.58 -16.70
C THR B 292 -33.88 -9.36 -17.24
N PRO B 293 -34.85 -9.55 -18.19
CA PRO B 293 -35.45 -8.29 -18.62
C PRO B 293 -36.61 -7.89 -17.72
N GLU B 294 -36.93 -6.60 -17.75
CA GLU B 294 -38.03 -6.08 -16.95
C GLU B 294 -39.38 -6.56 -17.49
N PRO B 295 -40.24 -7.08 -16.60
CA PRO B 295 -41.56 -7.58 -16.98
C PRO B 295 -42.43 -6.48 -17.59
N GLY B 296 -42.77 -6.64 -18.86
CA GLY B 296 -43.59 -5.65 -19.55
C GLY B 296 -42.81 -4.88 -20.59
N GLU B 297 -41.69 -5.44 -21.03
CA GLU B 297 -40.84 -4.80 -22.02
C GLU B 297 -40.99 -5.45 -23.39
N ASP B 298 -40.36 -4.87 -24.40
CA ASP B 298 -40.42 -5.39 -25.75
C ASP B 298 -39.12 -6.09 -26.14
N PRO B 299 -39.22 -7.13 -26.98
CA PRO B 299 -38.06 -7.89 -27.43
C PRO B 299 -37.05 -7.01 -28.16
N ARG B 300 -37.54 -6.16 -29.05
CA ARG B 300 -36.68 -5.25 -29.81
C ARG B 300 -35.89 -4.34 -28.88
N VAL B 301 -36.55 -3.79 -27.87
CA VAL B 301 -35.87 -2.89 -26.95
C VAL B 301 -34.96 -3.65 -25.99
N THR B 302 -35.28 -4.91 -25.68
CA THR B 302 -34.36 -5.71 -24.88
C THR B 302 -33.08 -6.02 -25.66
N ARG B 303 -33.22 -6.31 -26.96
CA ARG B 303 -32.04 -6.57 -27.78
C ARG B 303 -31.13 -5.35 -27.84
N ALA B 304 -31.72 -4.17 -28.09
CA ALA B 304 -30.92 -2.96 -28.19
C ALA B 304 -30.29 -2.58 -26.85
N LYS B 305 -31.05 -2.72 -25.76
CA LYS B 305 -30.54 -2.31 -24.45
C LYS B 305 -29.34 -3.15 -24.05
N TYR B 306 -29.41 -4.46 -24.25
CA TYR B 306 -28.31 -5.33 -23.85
C TYR B 306 -27.19 -5.39 -24.88
N PHE B 307 -27.41 -4.93 -26.10
CA PHE B 307 -26.34 -4.99 -27.11
C PHE B 307 -25.30 -3.92 -26.95
N ILE B 308 -25.61 -2.93 -26.15
CA ILE B 308 -24.66 -1.88 -25.94
C ILE B 308 -23.92 -2.18 -24.67
N ARG B 309 -24.59 -2.84 -23.75
CA ARG B 309 -23.94 -3.13 -22.47
C ARG B 309 -22.68 -3.98 -22.65
N ASP B 310 -22.78 -5.05 -23.44
CA ASP B 310 -21.64 -5.94 -23.58
C ASP B 310 -20.56 -5.39 -24.50
N GLU B 311 -20.87 -4.30 -25.18
CA GLU B 311 -19.91 -3.63 -26.04
C GLU B 311 -18.87 -3.07 -25.10
N PHE B 312 -19.32 -2.35 -24.09
CA PHE B 312 -18.43 -1.79 -23.08
C PHE B 312 -17.78 -2.87 -22.23
N LEU B 313 -18.51 -3.97 -21.98
CA LEU B 313 -17.97 -5.03 -21.13
C LEU B 313 -16.83 -5.78 -21.82
N ARG B 314 -16.88 -5.90 -23.15
CA ARG B 314 -15.81 -6.61 -23.86
C ARG B 314 -14.48 -5.90 -23.69
N ILE B 315 -14.49 -4.56 -23.69
CA ILE B 315 -13.26 -3.81 -23.48
C ILE B 315 -12.72 -4.06 -22.08
N SER B 316 -13.61 -4.18 -21.09
CA SER B 316 -13.16 -4.38 -19.72
C SER B 316 -12.59 -5.78 -19.50
N THR B 317 -12.94 -6.74 -20.36
CA THR B 317 -12.44 -8.10 -20.20
C THR B 317 -10.92 -8.14 -20.36
N ALA B 318 -10.39 -7.43 -21.36
CA ALA B 318 -8.95 -7.36 -21.53
C ALA B 318 -8.32 -6.59 -20.37
N SER B 319 -7.12 -7.02 -19.96
CA SER B 319 -6.41 -6.47 -18.81
C SER B 319 -7.27 -6.55 -17.55
N GLY B 320 -7.59 -7.78 -17.19
CA GLY B 320 -8.49 -8.08 -16.09
C GLY B 320 -7.77 -8.51 -14.82
N ASP B 321 -7.69 -9.83 -14.63
CA ASP B 321 -7.01 -10.52 -13.53
C ASP B 321 -7.36 -9.96 -12.14
N GLY B 322 -8.56 -9.40 -12.01
CA GLY B 322 -9.06 -8.99 -10.72
C GLY B 322 -8.48 -7.71 -10.18
N ARG B 323 -7.65 -7.01 -10.95
CA ARG B 323 -7.07 -5.76 -10.47
C ARG B 323 -8.14 -4.67 -10.29
N HIS B 324 -9.06 -4.57 -11.25
CA HIS B 324 -10.17 -3.64 -11.15
C HIS B 324 -11.30 -4.15 -12.03
N TYR B 325 -12.51 -3.67 -11.75
CA TYR B 325 -13.67 -4.11 -12.49
C TYR B 325 -14.52 -2.98 -13.02
N CYS B 326 -15.65 -3.33 -13.59
CA CYS B 326 -16.59 -2.36 -14.11
C CYS B 326 -18.01 -2.80 -13.76
N TYR B 327 -18.83 -1.87 -13.33
CA TYR B 327 -20.20 -2.17 -12.91
C TYR B 327 -21.20 -1.44 -13.81
N PRO B 328 -21.91 -2.14 -14.69
CA PRO B 328 -22.90 -1.48 -15.53
C PRO B 328 -24.25 -1.32 -14.84
N HIS B 329 -24.96 -0.27 -15.23
CA HIS B 329 -26.28 0.02 -14.70
C HIS B 329 -27.13 0.66 -15.78
N PHE B 330 -28.43 0.43 -15.71
CA PHE B 330 -29.40 1.02 -16.64
C PHE B 330 -30.13 2.13 -15.91
N THR B 331 -29.54 3.32 -15.91
CA THR B 331 -30.10 4.46 -15.21
C THR B 331 -31.02 5.26 -16.12
N CYS B 332 -31.73 6.20 -15.53
CA CYS B 332 -32.66 7.06 -16.25
C CYS B 332 -32.39 8.52 -15.88
N SER B 333 -33.09 9.43 -16.55
CA SER B 333 -32.86 10.85 -16.34
C SER B 333 -33.29 11.28 -14.94
N VAL B 334 -34.41 10.76 -14.46
CA VAL B 334 -34.99 11.20 -13.19
C VAL B 334 -34.99 10.07 -12.16
N ASP B 335 -34.09 9.10 -12.30
CA ASP B 335 -33.99 8.02 -11.33
C ASP B 335 -33.50 8.54 -9.99
N THR B 336 -34.09 8.04 -8.91
CA THR B 336 -33.72 8.48 -7.57
C THR B 336 -32.90 7.46 -6.80
N GLU B 337 -32.53 6.38 -7.45
CA GLU B 337 -31.74 5.33 -6.82
C GLU B 337 -30.26 5.42 -7.13
N ASN B 338 -29.82 6.53 -7.74
CA ASN B 338 -28.41 6.67 -8.08
C ASN B 338 -27.52 6.69 -6.84
N ILE B 339 -27.94 7.42 -5.83
CA ILE B 339 -27.14 7.51 -4.64
C ILE B 339 -27.11 6.18 -3.92
N ARG B 340 -28.06 5.32 -4.21
CA ARG B 340 -28.10 4.06 -3.54
C ARG B 340 -27.10 3.21 -4.25
N ARG B 341 -27.26 3.14 -5.55
CA ARG B 341 -26.40 2.34 -6.40
C ARG B 341 -24.93 2.68 -6.19
N VAL B 342 -24.61 3.97 -6.07
CA VAL B 342 -23.23 4.38 -5.83
C VAL B 342 -22.75 3.86 -4.49
N PHE B 343 -23.59 3.95 -3.46
CA PHE B 343 -23.20 3.46 -2.14
C PHE B 343 -22.94 1.95 -2.16
N ASN B 344 -23.83 1.19 -2.82
CA ASN B 344 -23.63 -0.25 -2.89
C ASN B 344 -22.36 -0.61 -3.65
N ASP B 345 -22.11 0.09 -4.76
CA ASP B 345 -20.91 -0.21 -5.54
C ASP B 345 -19.64 0.13 -4.77
N CYS B 346 -19.64 1.26 -4.05
CA CYS B 346 -18.49 1.61 -3.24
C CYS B 346 -18.27 0.60 -2.11
N ARG B 347 -19.37 0.13 -1.50
CA ARG B 347 -19.25 -0.88 -0.46
C ARG B 347 -18.67 -2.18 -1.01
N ASP B 348 -19.10 -2.56 -2.22
CA ASP B 348 -18.52 -3.76 -2.84
C ASP B 348 -17.05 -3.56 -3.16
N ILE B 349 -16.67 -2.35 -3.62
CA ILE B 349 -15.28 -2.08 -3.96
C ILE B 349 -14.40 -2.16 -2.72
N ILE B 350 -14.85 -1.56 -1.61
CA ILE B 350 -14.03 -1.53 -0.40
C ILE B 350 -13.81 -2.94 0.14
N GLN B 351 -14.87 -3.77 0.16
CA GLN B 351 -14.75 -5.11 0.72
C GLN B 351 -13.75 -5.96 -0.07
N ARG B 352 -13.77 -5.84 -1.39
CA ARG B 352 -12.84 -6.64 -2.20
C ARG B 352 -11.39 -6.25 -1.95
N MET B 353 -11.14 -4.96 -1.73
CA MET B 353 -9.77 -4.50 -1.47
C MET B 353 -9.23 -5.09 -0.17
N HIS B 354 -10.07 -5.12 0.87
CA HIS B 354 -9.62 -5.67 2.15
C HIS B 354 -9.32 -7.16 2.05
N LEU B 355 -10.13 -7.90 1.29
CA LEU B 355 -9.92 -9.35 1.16
C LEU B 355 -8.60 -9.67 0.47
N ARG B 356 -8.15 -8.80 -0.41
CA ARG B 356 -6.92 -9.06 -1.13
C ARG B 356 -5.68 -8.92 -0.28
N GLN B 357 -5.80 -8.33 0.90
CA GLN B 357 -4.65 -8.16 1.76
C GLN B 357 -4.45 -9.37 2.63
N TYR B 358 -5.50 -10.15 2.78
CA TYR B 358 -5.47 -11.37 3.56
C TYR B 358 -5.35 -12.57 2.65
N GLU B 359 -4.97 -12.33 1.41
CA GLU B 359 -4.80 -13.37 0.41
C GLU B 359 -5.98 -14.33 0.33
N LEU B 360 -7.19 -13.81 0.30
CA LEU B 360 -8.36 -14.67 0.21
C LEU B 360 -8.90 -14.66 -1.21
N LEU B 361 -8.49 -13.69 -2.00
CA LEU B 361 -8.93 -13.60 -3.38
C LEU B 361 -7.74 -13.38 -4.31
N HIS C 1 -7.97 -27.81 29.02
CA HIS C 1 -7.85 -27.32 27.66
C HIS C 1 -6.86 -28.16 26.87
N SER C 2 -6.82 -29.46 27.12
CA SER C 2 -5.85 -30.34 26.45
C SER C 2 -4.42 -29.86 26.54
N GLN C 3 -3.89 -29.73 27.74
CA GLN C 3 -2.49 -29.34 27.95
C GLN C 3 -2.42 -29.38 29.43
N GLY C 4 -3.53 -29.04 30.07
CA GLY C 4 -3.59 -29.14 31.50
C GLY C 4 -4.06 -30.54 31.80
N THR C 5 -4.66 -31.19 30.82
CA THR C 5 -5.12 -32.56 31.00
C THR C 5 -3.96 -33.51 30.88
N PHE C 6 -2.99 -33.20 30.04
CA PHE C 6 -1.82 -34.04 29.92
C PHE C 6 -1.01 -33.85 31.17
N THR C 7 -0.93 -32.61 31.63
CA THR C 7 -0.16 -32.32 32.82
C THR C 7 -0.75 -33.07 33.99
N SER C 8 -2.08 -33.05 34.11
CA SER C 8 -2.70 -33.70 35.24
C SER C 8 -2.42 -35.20 35.15
N ASP C 9 -2.73 -35.79 34.00
CA ASP C 9 -2.53 -37.22 33.80
C ASP C 9 -1.14 -37.69 34.14
N LYS C 10 -0.13 -37.03 33.61
CA LYS C 10 1.25 -37.44 33.88
C LYS C 10 1.49 -37.38 35.37
N SER C 11 1.01 -36.34 36.02
CA SER C 11 1.22 -36.14 37.44
C SER C 11 0.65 -37.17 38.34
N GLU C 12 -0.49 -37.73 38.04
CA GLU C 12 -1.13 -38.68 38.92
C GLU C 12 -0.54 -40.05 38.81
N TYR C 13 -0.17 -40.45 37.62
CA TYR C 13 0.49 -41.72 37.46
C TYR C 13 1.87 -41.56 38.05
N LEU C 14 2.58 -40.50 37.70
CA LEU C 14 3.94 -40.38 38.18
C LEU C 14 3.98 -40.39 39.68
N ASP C 15 3.13 -39.59 40.30
CA ASP C 15 3.06 -39.49 41.75
C ASP C 15 2.88 -40.85 42.38
N SER C 16 1.94 -41.63 41.88
CA SER C 16 1.68 -42.95 42.43
C SER C 16 2.94 -43.80 42.42
N GLU C 17 3.61 -43.88 41.28
CA GLU C 17 4.87 -44.64 41.22
C GLU C 17 5.81 -44.41 42.39
N ARG C 18 6.05 -43.16 42.71
CA ARG C 18 6.95 -42.82 43.80
C ARG C 18 6.49 -43.29 45.15
N ALA C 19 5.19 -43.54 45.31
CA ALA C 19 4.69 -43.91 46.63
C ALA C 19 5.00 -45.33 46.96
N GLN C 20 4.87 -46.21 45.99
CA GLN C 20 5.11 -47.61 46.24
C GLN C 20 6.61 -47.85 46.35
N ASP C 21 7.40 -47.01 45.71
CA ASP C 21 8.84 -47.13 45.80
C ASP C 21 9.27 -46.69 47.18
N PHE C 22 8.56 -45.73 47.75
CA PHE C 22 8.86 -45.30 49.10
C PHE C 22 8.63 -46.50 49.98
N VAL C 23 7.51 -47.17 49.82
CA VAL C 23 7.25 -48.39 50.58
C VAL C 23 8.37 -49.43 50.43
N ALA C 24 8.82 -49.72 49.21
CA ALA C 24 9.82 -50.77 49.07
C ALA C 24 11.20 -50.33 49.51
N TRP C 25 11.33 -49.07 49.89
CA TRP C 25 12.60 -48.56 50.36
C TRP C 25 12.59 -48.73 51.88
N LEU C 26 11.40 -48.91 52.44
CA LEU C 26 11.30 -49.12 53.88
C LEU C 26 11.05 -50.57 54.19
N GLU C 27 9.82 -51.03 53.99
CA GLU C 27 9.47 -52.42 54.30
C GLU C 27 10.40 -53.38 53.62
N ALA C 28 10.55 -53.25 52.31
CA ALA C 28 11.38 -54.18 51.57
C ALA C 28 12.84 -53.74 51.55
N GLY C 29 13.11 -52.53 51.98
CA GLY C 29 14.48 -52.04 52.02
C GLY C 29 15.03 -51.93 53.43
N GLU D 8 -3.28 34.35 -48.26
CA GLU D 8 -3.62 33.08 -48.87
C GLU D 8 -2.89 31.95 -48.16
N LEU D 9 -3.60 30.87 -47.84
CA LEU D 9 -2.99 29.74 -47.16
C LEU D 9 -1.77 29.23 -47.91
N ASP D 10 -1.92 29.00 -49.21
CA ASP D 10 -0.81 28.48 -50.00
C ASP D 10 0.38 29.42 -49.96
N GLN D 11 0.15 30.71 -50.15
CA GLN D 11 1.22 31.69 -50.07
C GLN D 11 1.93 31.59 -48.73
N LEU D 12 1.15 31.60 -47.65
CA LEU D 12 1.74 31.55 -46.32
C LEU D 12 2.48 30.23 -46.09
N ARG D 13 2.08 29.17 -46.79
CA ARG D 13 2.80 27.90 -46.66
C ARG D 13 4.25 28.05 -47.14
N GLN D 14 4.44 28.64 -48.33
CA GLN D 14 5.82 28.80 -48.81
C GLN D 14 6.61 29.75 -47.93
N GLU D 15 5.98 30.82 -47.41
CA GLU D 15 6.69 31.73 -46.53
C GLU D 15 7.14 31.03 -45.24
N ALA D 16 6.25 30.22 -44.66
CA ALA D 16 6.63 29.48 -43.45
C ALA D 16 7.73 28.48 -43.74
N GLU D 17 7.64 27.78 -44.87
CA GLU D 17 8.68 26.82 -45.23
C GLU D 17 10.02 27.51 -45.42
N GLN D 18 10.02 28.66 -46.10
CA GLN D 18 11.26 29.40 -46.33
C GLN D 18 11.85 29.91 -45.02
N LEU D 19 10.99 30.40 -44.12
CA LEU D 19 11.48 30.87 -42.82
C LEU D 19 12.09 29.72 -42.02
N LYS D 20 11.44 28.56 -42.02
CA LYS D 20 11.98 27.39 -41.31
C LYS D 20 13.31 26.95 -41.92
N ASN D 21 13.39 26.95 -43.25
CA ASN D 21 14.65 26.58 -43.90
C ASN D 21 15.76 27.56 -43.57
N GLN D 22 15.45 28.86 -43.55
CA GLN D 22 16.45 29.86 -43.20
C GLN D 22 16.91 29.68 -41.75
N ILE D 23 15.98 29.40 -40.84
CA ILE D 23 16.36 29.19 -39.45
C ILE D 23 17.24 27.96 -39.32
N ARG D 24 16.90 26.88 -40.04
CA ARG D 24 17.73 25.67 -39.99
C ARG D 24 19.12 25.94 -40.55
N ASP D 25 19.21 26.68 -41.65
CA ASP D 25 20.51 27.00 -42.22
C ASP D 25 21.34 27.87 -41.28
N ALA D 26 20.70 28.83 -40.62
CA ALA D 26 21.43 29.67 -39.66
C ALA D 26 21.92 28.85 -38.48
N ARG D 27 21.11 27.90 -38.01
CA ARG D 27 21.54 27.01 -36.93
C ARG D 27 22.71 26.15 -37.38
N LYS D 28 22.66 25.63 -38.60
CA LYS D 28 23.74 24.79 -39.10
C LYS D 28 25.04 25.58 -39.29
N ALA D 29 24.94 26.83 -39.73
CA ALA D 29 26.15 27.62 -39.95
C ALA D 29 26.90 27.88 -38.66
N CYS D 30 26.19 28.17 -37.57
CA CYS D 30 26.84 28.45 -36.30
C CYS D 30 27.41 27.21 -35.64
N ALA D 31 27.03 26.02 -36.08
CA ALA D 31 27.51 24.77 -35.50
C ALA D 31 28.84 24.38 -36.15
N ASP D 32 29.85 24.14 -35.31
CA ASP D 32 31.17 23.75 -35.80
C ASP D 32 31.61 22.38 -35.32
N ALA D 33 31.47 22.08 -34.02
CA ALA D 33 31.87 20.79 -33.48
C ALA D 33 31.11 20.54 -32.19
N THR D 34 31.04 19.26 -31.80
CA THR D 34 30.38 18.88 -30.57
C THR D 34 31.28 19.16 -29.37
N LEU D 35 30.65 19.54 -28.26
CA LEU D 35 31.40 19.90 -27.07
C LEU D 35 31.98 18.68 -26.37
N SER D 36 31.22 17.58 -26.31
CA SER D 36 31.68 16.39 -25.59
C SER D 36 32.91 15.77 -26.25
N GLN D 37 32.89 15.65 -27.58
CA GLN D 37 34.00 15.00 -28.28
C GLN D 37 35.26 15.85 -28.26
N ILE D 38 35.12 17.18 -28.31
CA ILE D 38 36.26 18.07 -28.38
C ILE D 38 36.86 18.37 -27.03
N THR D 39 36.18 18.02 -25.92
CA THR D 39 36.68 18.28 -24.58
C THR D 39 36.64 17.04 -23.70
N ASN D 40 36.81 15.85 -24.28
CA ASN D 40 36.78 14.61 -23.51
C ASN D 40 38.17 14.27 -22.98
N ASN D 41 38.69 15.15 -22.15
CA ASN D 41 40.01 14.98 -21.56
C ASN D 41 40.02 15.17 -20.05
N ILE D 42 39.14 16.02 -19.52
CA ILE D 42 39.16 16.32 -18.09
C ILE D 42 38.63 15.12 -17.30
N ASP D 43 39.15 14.95 -16.08
CA ASP D 43 38.77 13.83 -15.24
C ASP D 43 37.32 13.97 -14.77
N PRO D 44 36.63 12.85 -14.54
CA PRO D 44 35.26 12.92 -14.02
C PRO D 44 35.22 13.22 -12.53
N VAL D 45 34.02 13.45 -12.00
CA VAL D 45 33.88 13.78 -10.58
C VAL D 45 33.83 12.56 -9.68
N GLY D 46 33.76 11.36 -10.24
CA GLY D 46 33.68 10.14 -9.45
C GLY D 46 32.25 9.77 -9.13
N ARG D 47 32.12 8.81 -8.23
CA ARG D 47 30.82 8.32 -7.78
C ARG D 47 30.46 9.01 -6.46
N ILE D 48 29.29 9.64 -6.43
CA ILE D 48 28.85 10.44 -5.28
C ILE D 48 27.67 9.75 -4.62
N GLN D 49 27.75 9.60 -3.30
CA GLN D 49 26.73 8.91 -2.53
C GLN D 49 26.23 9.82 -1.41
N MET D 50 24.91 9.82 -1.21
CA MET D 50 24.28 10.55 -0.12
C MET D 50 23.45 9.59 0.73
N ARG D 51 23.09 10.04 1.92
CA ARG D 51 22.25 9.27 2.82
C ARG D 51 21.34 10.23 3.58
N THR D 52 20.13 9.77 3.90
CA THR D 52 19.16 10.62 4.57
C THR D 52 19.65 11.00 5.96
N ARG D 53 19.42 12.26 6.33
CA ARG D 53 19.76 12.78 7.65
C ARG D 53 18.54 13.11 8.48
N ARG D 54 17.50 13.67 7.86
CA ARG D 54 16.23 13.95 8.51
C ARG D 54 15.11 13.41 7.67
N THR D 55 14.02 12.99 8.33
CA THR D 55 12.85 12.48 7.65
C THR D 55 11.62 13.15 8.24
N LEU D 56 11.02 14.06 7.50
CA LEU D 56 9.86 14.81 7.95
C LEU D 56 8.59 14.02 7.67
N ARG D 57 7.73 13.88 8.68
CA ARG D 57 6.49 13.15 8.53
C ARG D 57 5.32 13.99 8.98
N GLY D 58 4.12 13.60 8.56
CA GLY D 58 2.92 14.30 8.94
C GLY D 58 1.92 14.46 7.81
N HIS D 59 2.41 14.54 6.57
CA HIS D 59 1.51 14.65 5.43
C HIS D 59 0.74 13.36 5.22
N LEU D 60 -0.50 13.49 4.74
CA LEU D 60 -1.38 12.34 4.51
C LEU D 60 -1.34 11.87 3.05
N ALA D 61 -1.68 12.74 2.11
CA ALA D 61 -1.74 12.38 0.71
C ALA D 61 -0.40 12.67 0.04
N LYS D 62 -0.37 12.57 -1.29
CA LYS D 62 0.87 12.78 -2.04
C LYS D 62 1.26 14.25 -2.02
N ILE D 63 2.46 14.52 -2.53
CA ILE D 63 3.04 15.86 -2.51
C ILE D 63 3.43 16.25 -3.93
N TYR D 64 3.10 17.49 -4.31
CA TYR D 64 3.38 17.99 -5.65
C TYR D 64 4.51 19.02 -5.72
N ALA D 65 4.69 19.83 -4.68
CA ALA D 65 5.68 20.90 -4.78
C ALA D 65 6.22 21.24 -3.41
N MET D 66 7.41 21.84 -3.40
CA MET D 66 8.04 22.38 -2.21
C MET D 66 9.00 23.47 -2.63
N HIS D 67 9.35 24.34 -1.69
CA HIS D 67 10.23 25.46 -1.98
C HIS D 67 11.09 25.78 -0.77
N TRP D 68 12.40 25.91 -0.99
CA TRP D 68 13.31 26.31 0.07
C TRP D 68 13.18 27.80 0.35
N GLY D 69 13.50 28.18 1.58
CA GLY D 69 13.52 29.58 1.97
C GLY D 69 14.83 30.25 1.59
N THR D 70 14.92 31.54 1.93
CA THR D 70 16.11 32.32 1.66
C THR D 70 17.13 32.26 2.79
N ASP D 71 16.81 31.57 3.88
CA ASP D 71 17.74 31.38 4.99
C ASP D 71 18.29 29.97 5.05
N SER D 72 17.89 29.09 4.12
CA SER D 72 18.33 27.69 4.09
C SER D 72 17.96 26.96 5.37
N ARG D 73 16.90 27.39 6.03
CA ARG D 73 16.44 26.76 7.27
C ARG D 73 14.93 26.51 7.31
N LEU D 74 14.14 27.22 6.52
CA LEU D 74 12.69 27.04 6.50
C LEU D 74 12.24 26.69 5.09
N LEU D 75 11.31 25.75 4.98
CA LEU D 75 10.78 25.33 3.69
C LEU D 75 9.30 25.02 3.83
N VAL D 76 8.56 25.20 2.74
CA VAL D 76 7.13 25.00 2.72
C VAL D 76 6.79 23.92 1.71
N SER D 77 5.83 23.07 2.06
CA SER D 77 5.40 21.98 1.21
C SER D 77 3.88 21.96 1.12
N ALA D 78 3.37 21.56 -0.04
CA ALA D 78 1.93 21.48 -0.30
C ALA D 78 1.57 20.06 -0.69
N SER D 79 0.45 19.57 -0.17
CA SER D 79 0.01 18.20 -0.40
C SER D 79 -1.48 18.19 -0.75
N GLN D 80 -1.90 17.08 -1.36
CA GLN D 80 -3.28 16.94 -1.80
C GLN D 80 -4.27 16.80 -0.66
N ASP D 81 -3.80 16.59 0.58
CA ASP D 81 -4.71 16.51 1.70
C ASP D 81 -5.34 17.86 2.03
N GLY D 82 -4.83 18.94 1.48
CA GLY D 82 -5.35 20.26 1.72
C GLY D 82 -4.65 21.06 2.81
N LYS D 83 -3.41 20.72 3.15
CA LYS D 83 -2.68 21.38 4.21
C LYS D 83 -1.38 21.95 3.69
N LEU D 84 -1.03 23.14 4.16
CA LEU D 84 0.25 23.78 3.88
C LEU D 84 1.03 23.84 5.18
N ILE D 85 2.24 23.29 5.17
CA ILE D 85 3.04 23.12 6.37
C ILE D 85 4.40 23.78 6.17
N ILE D 86 4.81 24.61 7.13
CA ILE D 86 6.14 25.21 7.13
C ILE D 86 7.01 24.41 8.08
N TRP D 87 8.13 23.90 7.58
CA TRP D 87 9.00 23.03 8.34
C TRP D 87 10.17 23.81 8.92
N ASP D 88 11.07 23.08 9.59
CA ASP D 88 12.33 23.63 10.09
C ASP D 88 13.34 22.50 9.99
N SER D 89 14.21 22.57 8.98
CA SER D 89 15.14 21.49 8.70
C SER D 89 16.14 21.26 9.82
N TYR D 90 16.36 22.25 10.68
CA TYR D 90 17.37 22.12 11.73
C TYR D 90 16.92 21.14 12.81
N THR D 91 15.68 21.25 13.26
CA THR D 91 15.19 20.45 14.38
C THR D 91 13.94 19.65 14.05
N THR D 92 13.49 19.68 12.79
CA THR D 92 12.30 18.95 12.36
C THR D 92 11.07 19.29 13.21
N ASN D 93 10.95 20.57 13.55
CA ASN D 93 9.81 21.07 14.30
C ASN D 93 8.97 21.96 13.40
N LYS D 94 7.68 21.64 13.29
CA LYS D 94 6.79 22.44 12.45
C LYS D 94 6.55 23.80 13.11
N VAL D 95 6.22 24.78 12.28
CA VAL D 95 6.00 26.15 12.71
C VAL D 95 4.56 26.60 12.43
N HIS D 96 4.08 26.38 11.20
CA HIS D 96 2.75 26.79 10.82
C HIS D 96 2.06 25.67 10.07
N ALA D 97 0.73 25.66 10.13
CA ALA D 97 -0.10 24.69 9.40
C ALA D 97 -1.34 25.44 8.91
N ILE D 98 -1.35 25.78 7.63
CA ILE D 98 -2.41 26.61 7.04
C ILE D 98 -3.33 25.69 6.25
N PRO D 99 -4.59 25.52 6.65
CA PRO D 99 -5.53 24.77 5.82
C PRO D 99 -5.83 25.51 4.53
N LEU D 100 -6.12 24.75 3.48
CA LEU D 100 -6.35 25.30 2.15
C LEU D 100 -7.84 25.36 1.85
N ARG D 101 -8.24 26.38 1.10
CA ARG D 101 -9.64 26.51 0.70
C ARG D 101 -10.06 25.38 -0.22
N SER D 102 -9.19 24.99 -1.15
CA SER D 102 -9.45 23.88 -2.06
C SER D 102 -8.39 22.80 -1.85
N SER D 103 -8.81 21.55 -1.99
CA SER D 103 -7.95 20.42 -1.70
C SER D 103 -7.06 20.01 -2.87
N TRP D 104 -7.15 20.70 -4.01
CA TRP D 104 -6.36 20.39 -5.19
C TRP D 104 -5.32 21.49 -5.36
N VAL D 105 -4.08 21.22 -4.95
CA VAL D 105 -2.98 22.16 -5.05
C VAL D 105 -1.86 21.51 -5.85
N MET D 106 -1.26 22.28 -6.76
CA MET D 106 -0.21 21.76 -7.62
C MET D 106 1.08 22.57 -7.58
N THR D 107 1.12 23.67 -6.84
CA THR D 107 2.33 24.50 -6.79
C THR D 107 2.35 25.30 -5.50
N CYS D 108 3.55 25.77 -5.16
CA CYS D 108 3.74 26.60 -3.97
C CYS D 108 4.99 27.44 -4.18
N ALA D 109 5.14 28.47 -3.35
CA ALA D 109 6.27 29.38 -3.47
C ALA D 109 6.55 30.02 -2.11
N TYR D 110 7.74 30.62 -2.01
CA TYR D 110 8.19 31.29 -0.80
C TYR D 110 8.70 32.67 -1.16
N ALA D 111 8.27 33.68 -0.40
CA ALA D 111 8.68 35.05 -0.67
C ALA D 111 10.15 35.24 -0.30
N PRO D 112 10.88 36.09 -1.03
CA PRO D 112 12.29 36.33 -0.70
C PRO D 112 12.49 36.90 0.69
N SER D 113 11.56 37.73 1.17
CA SER D 113 11.67 38.33 2.50
C SER D 113 11.14 37.43 3.60
N GLY D 114 10.63 36.25 3.27
CA GLY D 114 10.04 35.37 4.27
C GLY D 114 8.80 35.93 4.92
N ASN D 115 7.99 36.66 4.18
CA ASN D 115 6.77 37.26 4.70
C ASN D 115 5.51 36.78 4.00
N TYR D 116 5.62 36.02 2.91
CA TYR D 116 4.45 35.59 2.17
C TYR D 116 4.73 34.23 1.54
N VAL D 117 3.64 33.53 1.20
CA VAL D 117 3.69 32.27 0.47
C VAL D 117 2.66 32.32 -0.65
N ALA D 118 2.55 31.23 -1.39
CA ALA D 118 1.60 31.15 -2.49
C ALA D 118 1.23 29.69 -2.73
N CYS D 119 0.09 29.50 -3.41
CA CYS D 119 -0.38 28.16 -3.73
C CYS D 119 -1.31 28.25 -4.93
N GLY D 120 -1.49 27.10 -5.58
CA GLY D 120 -2.38 27.02 -6.72
C GLY D 120 -2.55 25.59 -7.16
N GLY D 121 -3.62 25.35 -7.92
CA GLY D 121 -3.93 24.00 -8.37
C GLY D 121 -5.02 23.95 -9.42
N LEU D 122 -5.91 22.97 -9.31
CA LEU D 122 -7.02 22.86 -10.25
C LEU D 122 -7.90 24.10 -10.20
N ASP D 123 -8.08 24.66 -9.00
CA ASP D 123 -8.84 25.89 -8.91
C ASP D 123 -7.95 26.95 -9.53
N ASN D 124 -8.53 27.82 -10.33
CA ASN D 124 -7.79 28.79 -11.12
C ASN D 124 -7.42 30.05 -10.32
N ILE D 125 -7.51 30.02 -9.00
CA ILE D 125 -7.21 31.15 -8.19
C ILE D 125 -5.93 30.91 -7.45
N CYS D 126 -5.10 31.93 -7.38
CA CYS D 126 -3.86 31.90 -6.62
C CYS D 126 -4.07 32.65 -5.31
N SER D 127 -3.66 32.02 -4.21
CA SER D 127 -3.86 32.56 -2.87
C SER D 127 -2.53 32.95 -2.25
N ILE D 128 -2.49 34.08 -1.54
CA ILE D 128 -1.27 34.56 -0.92
C ILE D 128 -1.51 34.74 0.56
N TYR D 129 -0.66 34.15 1.40
CA TYR D 129 -0.88 34.20 2.84
C TYR D 129 0.20 35.01 3.55
N ASN D 130 -0.19 35.74 4.58
CA ASN D 130 0.77 36.56 5.33
C ASN D 130 1.24 35.83 6.58
N LEU D 131 2.53 35.94 6.89
CA LEU D 131 3.10 35.29 8.06
C LEU D 131 3.68 36.30 9.03
N LYS D 132 3.31 37.55 8.90
CA LYS D 132 3.76 38.57 9.86
C LYS D 132 2.53 39.15 10.51
N THR D 133 1.53 38.31 10.77
CA THR D 133 0.28 38.81 11.33
C THR D 133 0.37 39.23 12.77
N ARG D 134 -0.49 40.16 13.16
CA ARG D 134 -0.48 40.69 14.52
C ARG D 134 -1.19 39.73 15.44
N GLU D 135 -2.09 38.92 14.90
CA GLU D 135 -2.87 38.02 15.74
C GLU D 135 -2.11 36.72 15.89
N GLY D 136 -0.89 36.70 15.39
CA GLY D 136 -0.06 35.50 15.52
C GLY D 136 -0.58 34.28 14.78
N ASN D 137 -1.51 34.48 13.86
CA ASN D 137 -2.03 33.37 13.06
C ASN D 137 -1.65 33.53 11.59
N VAL D 138 -2.54 33.14 10.70
CA VAL D 138 -2.30 33.28 9.28
C VAL D 138 -3.58 33.78 8.65
N ARG D 139 -3.46 34.58 7.60
CA ARG D 139 -4.64 35.07 6.92
C ARG D 139 -4.44 35.23 5.42
N VAL D 140 -5.39 34.76 4.64
CA VAL D 140 -5.29 34.97 3.19
C VAL D 140 -5.53 36.44 2.95
N SER D 141 -4.52 37.11 2.43
CA SER D 141 -4.65 38.54 2.21
C SER D 141 -5.30 38.81 0.88
N ARG D 142 -4.72 38.32 -0.20
CA ARG D 142 -5.21 38.59 -1.54
C ARG D 142 -5.39 37.28 -2.30
N GLU D 143 -6.38 37.28 -3.20
CA GLU D 143 -6.60 36.17 -4.11
C GLU D 143 -6.63 36.72 -5.53
N LEU D 144 -6.11 35.95 -6.47
CA LEU D 144 -5.94 36.40 -7.84
C LEU D 144 -6.82 35.56 -8.76
N ALA D 145 -7.56 36.23 -9.65
CA ALA D 145 -8.46 35.56 -10.58
C ALA D 145 -8.27 36.12 -11.97
N GLY D 146 -8.62 35.32 -12.97
CA GLY D 146 -8.50 35.74 -14.36
C GLY D 146 -8.03 34.65 -15.29
N HIS D 147 -7.32 33.65 -14.75
CA HIS D 147 -6.87 32.54 -15.56
C HIS D 147 -8.04 31.62 -15.93
N THR D 148 -7.93 31.01 -17.10
CA THR D 148 -8.94 30.07 -17.59
C THR D 148 -8.38 28.65 -17.67
N GLY D 149 -7.50 28.31 -16.76
CA GLY D 149 -6.92 26.98 -16.73
C GLY D 149 -6.18 26.74 -15.43
N TYR D 150 -5.92 25.47 -15.15
CA TYR D 150 -5.28 25.10 -13.90
C TYR D 150 -3.86 25.65 -13.83
N LEU D 151 -3.50 26.17 -12.67
CA LEU D 151 -2.16 26.71 -12.46
C LEU D 151 -1.14 25.59 -12.35
N SER D 152 0.07 25.85 -12.84
CA SER D 152 1.15 24.88 -12.80
C SER D 152 2.32 25.32 -11.93
N CYS D 153 2.73 26.58 -11.99
CA CYS D 153 3.85 27.05 -11.19
C CYS D 153 3.71 28.54 -10.96
N CYS D 154 4.28 29.02 -9.85
CA CYS D 154 4.28 30.43 -9.52
C CYS D 154 5.49 30.74 -8.65
N ARG D 155 6.16 31.85 -8.94
CA ARG D 155 7.35 32.24 -8.21
C ARG D 155 7.28 33.73 -7.90
N PHE D 156 7.54 34.08 -6.65
CA PHE D 156 7.56 35.48 -6.25
C PHE D 156 8.73 36.20 -6.88
N LEU D 157 8.51 37.44 -7.30
CA LEU D 157 9.57 38.29 -7.83
C LEU D 157 10.00 39.36 -6.84
N ASP D 158 9.06 39.94 -6.10
CA ASP D 158 9.36 40.87 -5.02
C ASP D 158 8.15 40.87 -4.08
N ASP D 159 8.09 41.88 -3.21
CA ASP D 159 6.99 41.97 -2.25
C ASP D 159 5.68 42.36 -2.91
N ASN D 160 5.68 42.79 -4.17
CA ASN D 160 4.45 43.27 -4.79
C ASN D 160 4.24 42.76 -6.22
N GLN D 161 5.02 41.79 -6.69
CA GLN D 161 4.81 41.22 -8.01
C GLN D 161 4.97 39.71 -7.94
N ILE D 162 4.30 39.02 -8.87
CA ILE D 162 4.33 37.56 -8.93
C ILE D 162 4.07 37.14 -10.37
N VAL D 163 4.63 36.00 -10.75
CA VAL D 163 4.48 35.45 -12.09
C VAL D 163 3.81 34.09 -11.98
N THR D 164 2.77 33.87 -12.77
CA THR D 164 1.99 32.65 -12.71
C THR D 164 1.96 31.96 -14.08
N SER D 165 1.78 30.64 -14.04
CA SER D 165 1.63 29.83 -15.24
C SER D 165 0.35 29.02 -15.13
N SER D 166 -0.38 28.92 -16.25
CA SER D 166 -1.66 28.24 -16.28
C SER D 166 -1.71 27.29 -17.46
N GLY D 167 -2.72 26.42 -17.44
CA GLY D 167 -2.92 25.42 -18.48
C GLY D 167 -3.67 25.91 -19.70
N ASP D 168 -4.00 27.21 -19.77
CA ASP D 168 -4.68 27.77 -20.93
C ASP D 168 -3.72 28.40 -21.92
N THR D 169 -2.49 27.88 -22.01
CA THR D 169 -1.47 28.32 -22.96
C THR D 169 -1.14 29.81 -22.81
N THR D 170 -1.22 30.34 -21.59
CA THR D 170 -0.92 31.74 -21.33
C THR D 170 -0.12 31.87 -20.05
N CYS D 171 0.68 32.93 -19.97
CA CYS D 171 1.39 33.32 -18.77
C CYS D 171 1.20 34.81 -18.55
N ALA D 172 1.16 35.22 -17.28
CA ALA D 172 0.85 36.60 -16.95
C ALA D 172 1.57 37.01 -15.68
N LEU D 173 1.69 38.32 -15.49
CA LEU D 173 2.27 38.92 -14.31
C LEU D 173 1.22 39.73 -13.58
N TRP D 174 1.11 39.54 -12.27
CA TRP D 174 0.06 40.16 -11.48
C TRP D 174 0.64 41.25 -10.58
N ASP D 175 -0.25 41.94 -9.86
CA ASP D 175 0.13 42.94 -8.88
C ASP D 175 -0.61 42.61 -7.59
N ILE D 176 0.14 42.46 -6.50
CA ILE D 176 -0.45 42.00 -5.24
C ILE D 176 -1.34 43.08 -4.63
N GLU D 177 -0.91 44.34 -4.70
CA GLU D 177 -1.67 45.41 -4.07
C GLU D 177 -3.04 45.56 -4.72
N THR D 178 -3.10 45.51 -6.05
CA THR D 178 -4.36 45.56 -6.77
C THR D 178 -4.29 44.53 -7.89
N GLY D 179 -5.23 43.60 -7.91
CA GLY D 179 -5.10 42.43 -8.75
C GLY D 179 -5.59 42.56 -10.17
N GLN D 180 -4.66 42.82 -11.09
CA GLN D 180 -4.92 42.78 -12.53
C GLN D 180 -3.69 42.24 -13.23
N GLN D 181 -3.90 41.70 -14.42
CA GLN D 181 -2.79 41.22 -15.25
C GLN D 181 -2.08 42.42 -15.84
N THR D 182 -0.95 42.81 -15.23
CA THR D 182 -0.18 43.92 -15.75
C THR D 182 0.36 43.62 -17.13
N THR D 183 0.82 42.38 -17.33
CA THR D 183 1.33 41.96 -18.61
C THR D 183 0.90 40.53 -18.85
N THR D 184 0.61 40.18 -20.10
CA THR D 184 0.22 38.84 -20.47
C THR D 184 1.10 38.36 -21.61
N PHE D 185 1.63 37.13 -21.49
CA PHE D 185 2.52 36.55 -22.50
C PHE D 185 1.83 35.39 -23.20
N THR D 186 1.64 35.49 -24.52
CA THR D 186 0.94 34.49 -25.31
C THR D 186 1.83 34.04 -26.46
N GLY D 187 1.55 32.85 -26.97
CA GLY D 187 2.30 32.31 -28.08
C GLY D 187 2.51 30.81 -28.00
N HIS D 188 2.35 30.25 -26.81
CA HIS D 188 2.49 28.82 -26.63
C HIS D 188 1.28 28.09 -27.22
N THR D 189 1.48 26.82 -27.56
CA THR D 189 0.44 25.98 -28.12
C THR D 189 -0.14 25.01 -27.10
N GLY D 190 0.71 24.28 -26.38
CA GLY D 190 0.28 23.38 -25.33
C GLY D 190 0.18 24.08 -23.99
N ASP D 191 0.07 23.27 -22.94
CA ASP D 191 -0.07 23.79 -21.59
C ASP D 191 1.30 24.00 -20.96
N VAL D 192 1.52 25.19 -20.42
CA VAL D 192 2.78 25.50 -19.75
C VAL D 192 2.84 24.74 -18.43
N MET D 193 3.99 24.11 -18.16
CA MET D 193 4.13 23.25 -17.00
C MET D 193 5.03 23.81 -15.90
N SER D 194 6.08 24.55 -16.25
CA SER D 194 7.00 25.05 -15.24
C SER D 194 7.71 26.28 -15.75
N LEU D 195 8.26 27.05 -14.83
CA LEU D 195 9.03 28.24 -15.15
C LEU D 195 10.01 28.52 -14.02
N SER D 196 11.05 29.29 -14.33
CA SER D 196 12.06 29.64 -13.34
C SER D 196 12.59 31.03 -13.62
N LEU D 197 12.58 31.88 -12.60
CA LEU D 197 13.06 33.25 -12.74
C LEU D 197 14.59 33.30 -12.68
N ALA D 198 15.14 34.29 -13.36
CA ALA D 198 16.57 34.51 -13.37
C ALA D 198 17.04 35.12 -12.05
N PRO D 199 18.32 34.98 -11.71
CA PRO D 199 18.82 35.61 -10.48
C PRO D 199 18.63 37.11 -10.43
N ASP D 200 18.73 37.80 -11.56
CA ASP D 200 18.55 39.24 -11.61
C ASP D 200 17.09 39.65 -11.84
N THR D 201 16.18 38.67 -11.96
CA THR D 201 14.76 38.92 -12.16
C THR D 201 14.51 39.82 -13.38
N ARG D 202 15.26 39.58 -14.45
CA ARG D 202 15.09 40.30 -15.69
C ARG D 202 14.49 39.46 -16.80
N LEU D 203 14.72 38.15 -16.80
CA LEU D 203 14.16 37.25 -17.79
C LEU D 203 13.76 35.95 -17.12
N PHE D 204 12.95 35.16 -17.82
CA PHE D 204 12.57 33.84 -17.34
C PHE D 204 12.15 32.99 -18.53
N VAL D 205 12.15 31.68 -18.32
CA VAL D 205 11.83 30.71 -19.36
C VAL D 205 10.72 29.81 -18.86
N SER D 206 10.03 29.18 -19.81
CA SER D 206 8.89 28.32 -19.49
C SER D 206 8.72 27.29 -20.59
N GLY D 207 8.56 26.03 -20.20
CA GLY D 207 8.30 24.96 -21.14
C GLY D 207 6.85 24.52 -21.09
N ALA D 208 6.31 24.18 -22.26
CA ALA D 208 4.91 23.81 -22.40
C ALA D 208 4.80 22.40 -22.98
N CYS D 209 3.56 21.94 -23.14
CA CYS D 209 3.29 20.62 -23.68
C CYS D 209 3.33 20.62 -25.21
N ASP D 210 4.42 21.13 -25.76
CA ASP D 210 4.59 21.16 -27.21
C ASP D 210 6.03 20.85 -27.62
N ALA D 211 6.85 20.32 -26.71
CA ALA D 211 8.26 20.02 -26.99
C ALA D 211 9.01 21.26 -27.47
N SER D 212 8.77 22.39 -26.82
CA SER D 212 9.42 23.64 -27.19
C SER D 212 9.46 24.56 -25.97
N ALA D 213 10.53 25.35 -25.88
CA ALA D 213 10.72 26.30 -24.80
C ALA D 213 10.80 27.71 -25.37
N LYS D 214 10.66 28.70 -24.49
CA LYS D 214 10.65 30.10 -24.87
C LYS D 214 11.31 30.94 -23.78
N LEU D 215 11.70 32.15 -24.16
CA LEU D 215 12.29 33.09 -23.20
C LEU D 215 11.43 34.34 -23.24
N TRP D 216 11.12 34.93 -22.09
CA TRP D 216 10.24 36.08 -21.98
C TRP D 216 10.93 37.22 -21.25
N ASP D 217 10.50 38.44 -21.56
CA ASP D 217 11.04 39.61 -20.88
C ASP D 217 9.96 40.13 -19.98
N VAL D 218 10.25 40.18 -18.68
CA VAL D 218 9.25 40.62 -17.72
C VAL D 218 8.90 42.09 -17.91
N ARG D 219 9.80 42.85 -18.53
CA ARG D 219 9.59 44.28 -18.69
C ARG D 219 8.63 44.56 -19.84
N GLU D 220 9.04 44.23 -21.05
CA GLU D 220 8.20 44.48 -22.20
C GLU D 220 7.15 43.40 -22.36
N GLY D 221 7.58 42.19 -22.71
CA GLY D 221 6.64 41.11 -22.86
C GLY D 221 6.79 40.35 -24.16
N MET D 222 7.89 40.59 -24.86
CA MET D 222 8.11 39.94 -26.14
C MET D 222 8.85 38.62 -25.97
N CYS D 223 8.55 37.65 -26.83
CA CYS D 223 9.28 36.38 -26.78
C CYS D 223 10.61 36.42 -27.48
N ARG D 224 11.67 36.68 -26.75
CA ARG D 224 12.98 36.80 -27.39
C ARG D 224 13.43 35.59 -28.21
N GLN D 225 13.45 34.41 -27.61
CA GLN D 225 13.93 33.23 -28.33
C GLN D 225 13.05 32.03 -28.14
N THR D 226 13.20 31.05 -29.03
CA THR D 226 12.44 29.80 -28.89
C THR D 226 13.31 28.61 -29.24
N PHE D 227 13.23 27.53 -28.47
CA PHE D 227 14.08 26.37 -28.67
C PHE D 227 13.24 25.11 -28.78
N THR D 228 13.63 24.23 -29.70
CA THR D 228 12.98 22.94 -29.91
C THR D 228 14.01 21.83 -29.77
N GLY D 229 13.59 20.60 -30.04
CA GLY D 229 14.48 19.46 -29.99
C GLY D 229 13.90 18.23 -29.33
N HIS D 230 13.03 18.43 -28.34
CA HIS D 230 12.42 17.32 -27.65
C HIS D 230 11.31 16.70 -28.51
N GLU D 231 10.87 15.51 -28.11
CA GLU D 231 9.89 14.74 -28.86
C GLU D 231 8.63 14.45 -28.06
N SER D 232 8.45 15.11 -26.92
CA SER D 232 7.26 14.89 -26.09
C SER D 232 7.09 16.11 -25.19
N ASP D 233 6.18 16.00 -24.23
CA ASP D 233 5.84 17.13 -23.36
C ASP D 233 6.99 17.47 -22.43
N ILE D 234 7.10 18.75 -22.10
CA ILE D 234 8.08 19.24 -21.15
C ILE D 234 7.45 19.23 -19.76
N ASN D 235 8.12 18.59 -18.80
CA ASN D 235 7.58 18.41 -17.46
C ASN D 235 8.21 19.31 -16.42
N ALA D 236 9.47 19.73 -16.60
CA ALA D 236 10.13 20.56 -15.61
C ALA D 236 11.21 21.37 -16.30
N ILE D 237 11.64 22.43 -15.63
CA ILE D 237 12.66 23.32 -16.15
C ILE D 237 13.36 24.01 -14.97
N CYS D 238 14.65 24.27 -15.14
CA CYS D 238 15.44 24.93 -14.10
C CYS D 238 16.16 26.13 -14.68
N PHE D 239 17.08 26.73 -13.92
CA PHE D 239 17.83 27.88 -14.39
C PHE D 239 19.24 27.81 -13.83
N PHE D 240 20.23 27.98 -14.71
CA PHE D 240 21.62 27.92 -14.28
C PHE D 240 21.95 29.12 -13.38
N PRO D 241 22.81 28.92 -12.38
CA PRO D 241 23.16 30.04 -11.49
C PRO D 241 23.81 31.21 -12.20
N ASN D 242 24.56 30.96 -13.28
CA ASN D 242 25.22 32.04 -13.99
C ASN D 242 24.22 32.94 -14.70
N GLY D 243 23.02 32.46 -14.98
CA GLY D 243 22.03 33.24 -15.70
C GLY D 243 22.08 33.11 -17.20
N ASN D 244 22.73 32.08 -17.74
CA ASN D 244 22.87 31.94 -19.18
C ASN D 244 22.61 30.52 -19.68
N ALA D 245 21.90 29.70 -18.90
CA ALA D 245 21.60 28.34 -19.32
C ALA D 245 20.40 27.82 -18.56
N PHE D 246 19.83 26.73 -19.06
CA PHE D 246 18.72 26.05 -18.41
C PHE D 246 18.65 24.63 -18.92
N ALA D 247 18.00 23.77 -18.14
CA ALA D 247 17.86 22.35 -18.48
C ALA D 247 16.39 21.97 -18.47
N THR D 248 16.02 21.07 -19.38
CA THR D 248 14.65 20.61 -19.53
C THR D 248 14.60 19.09 -19.42
N GLY D 249 13.60 18.59 -18.71
CA GLY D 249 13.37 17.17 -18.60
C GLY D 249 11.99 16.79 -19.09
N SER D 250 11.93 15.97 -20.14
CA SER D 250 10.67 15.65 -20.79
C SER D 250 10.21 14.24 -20.44
N ASP D 251 9.11 13.82 -21.05
CA ASP D 251 8.53 12.50 -20.83
C ASP D 251 9.13 11.44 -21.73
N ASP D 252 10.07 11.80 -22.60
CA ASP D 252 10.73 10.86 -23.49
C ASP D 252 11.95 10.20 -22.87
N ALA D 253 12.10 10.29 -21.54
CA ALA D 253 13.22 9.71 -20.82
C ALA D 253 14.55 10.28 -21.26
N THR D 254 14.57 11.56 -21.64
CA THR D 254 15.80 12.24 -22.04
C THR D 254 15.89 13.58 -21.32
N CYS D 255 17.11 14.04 -21.13
CA CYS D 255 17.38 15.34 -20.55
C CYS D 255 18.35 16.10 -21.44
N ARG D 256 18.13 17.40 -21.59
CA ARG D 256 18.93 18.21 -22.50
C ARG D 256 19.24 19.55 -21.84
N LEU D 257 20.27 20.21 -22.35
CA LEU D 257 20.70 21.51 -21.86
C LEU D 257 20.74 22.49 -23.01
N PHE D 258 20.37 23.74 -22.73
CA PHE D 258 20.32 24.80 -23.74
C PHE D 258 21.13 25.99 -23.26
N ASP D 259 21.62 26.77 -24.22
CA ASP D 259 22.33 28.01 -23.95
C ASP D 259 21.65 29.15 -24.70
N LEU D 260 21.38 30.25 -23.99
CA LEU D 260 20.67 31.36 -24.60
C LEU D 260 21.47 32.00 -25.73
N ARG D 261 22.78 32.18 -25.52
CA ARG D 261 23.61 32.80 -26.55
C ARG D 261 23.83 31.87 -27.73
N ALA D 262 24.08 30.59 -27.45
CA ALA D 262 24.34 29.64 -28.53
C ALA D 262 23.07 29.31 -29.32
N ASP D 263 21.91 29.35 -28.66
CA ASP D 263 20.61 29.09 -29.27
C ASP D 263 20.53 27.65 -29.79
N GLN D 264 21.40 26.76 -29.32
CA GLN D 264 21.42 25.38 -29.75
C GLN D 264 21.70 24.48 -28.57
N GLU D 265 21.11 23.29 -28.59
CA GLU D 265 21.33 22.31 -27.53
C GLU D 265 22.77 21.81 -27.55
N LEU D 266 23.29 21.51 -26.35
CA LEU D 266 24.67 21.06 -26.20
C LEU D 266 24.75 19.62 -25.71
N MET D 267 24.09 19.30 -24.60
CA MET D 267 24.17 17.99 -23.98
C MET D 267 22.86 17.23 -24.15
N THR D 268 22.96 15.93 -24.38
CA THR D 268 21.82 15.03 -24.50
C THR D 268 21.99 13.92 -23.47
N TYR D 269 21.57 14.14 -22.23
CA TYR D 269 21.74 13.10 -21.21
C TYR D 269 20.66 12.06 -21.38
N SER D 270 21.09 10.84 -21.63
CA SER D 270 20.23 9.70 -21.95
C SER D 270 20.92 8.42 -21.48
N HIS D 271 20.25 7.29 -21.71
CA HIS D 271 20.77 5.97 -21.35
C HIS D 271 20.04 4.94 -22.22
N ASP D 272 20.16 3.68 -21.85
CA ASP D 272 19.53 2.60 -22.60
C ASP D 272 18.43 1.88 -21.83
N ASN D 273 18.61 1.64 -20.55
CA ASN D 273 17.69 0.81 -19.77
C ASN D 273 16.67 1.62 -18.98
N ILE D 274 16.65 2.94 -19.11
CA ILE D 274 15.70 3.78 -18.38
C ILE D 274 14.63 4.27 -19.34
N ILE D 275 13.37 3.96 -19.03
CA ILE D 275 12.22 4.46 -19.79
C ILE D 275 11.22 5.03 -18.78
N CYS D 276 11.37 6.31 -18.46
CA CYS D 276 10.51 7.00 -17.52
C CYS D 276 10.61 8.50 -17.78
N GLY D 277 9.52 9.21 -17.53
CA GLY D 277 9.50 10.65 -17.74
C GLY D 277 10.12 11.40 -16.57
N ILE D 278 10.82 12.48 -16.89
CA ILE D 278 11.38 13.36 -15.89
C ILE D 278 10.25 14.09 -15.18
N THR D 279 10.38 14.27 -13.87
CA THR D 279 9.37 14.99 -13.10
C THR D 279 9.87 16.29 -12.47
N SER D 280 11.13 16.35 -12.04
CA SER D 280 11.67 17.58 -11.46
C SER D 280 13.14 17.69 -11.82
N VAL D 281 13.62 18.93 -11.92
CA VAL D 281 15.00 19.22 -12.28
C VAL D 281 15.50 20.37 -11.42
N SER D 282 16.73 20.23 -10.91
CA SER D 282 17.34 21.29 -10.11
C SER D 282 18.86 21.18 -10.22
N PHE D 283 19.51 22.33 -10.15
CA PHE D 283 20.97 22.43 -10.20
C PHE D 283 21.55 22.50 -8.79
N SER D 284 22.84 22.78 -8.70
CA SER D 284 23.57 22.93 -7.45
C SER D 284 24.26 24.29 -7.43
N LYS D 285 24.98 24.55 -6.33
CA LYS D 285 25.66 25.83 -6.18
C LYS D 285 26.75 26.01 -7.23
N SER D 286 27.52 24.96 -7.49
CA SER D 286 28.64 25.06 -8.43
C SER D 286 28.21 24.95 -9.88
N GLY D 287 26.94 24.68 -10.15
CA GLY D 287 26.53 24.43 -11.53
C GLY D 287 27.20 23.21 -12.11
N ARG D 288 27.43 22.19 -11.28
CA ARG D 288 28.14 20.98 -11.69
C ARG D 288 27.35 19.70 -11.47
N LEU D 289 26.48 19.64 -10.46
CA LEU D 289 25.72 18.43 -10.14
C LEU D 289 24.25 18.71 -10.43
N LEU D 290 23.75 18.15 -11.52
CA LEU D 290 22.35 18.27 -11.89
C LEU D 290 21.56 17.11 -11.29
N LEU D 291 20.52 17.45 -10.53
CA LEU D 291 19.66 16.46 -9.90
C LEU D 291 18.33 16.40 -10.64
N ALA D 292 17.70 15.23 -10.63
CA ALA D 292 16.47 15.01 -11.38
C ALA D 292 15.64 13.93 -10.71
N GLY D 293 14.36 13.88 -11.08
CA GLY D 293 13.46 12.86 -10.59
C GLY D 293 13.03 11.90 -11.67
N TYR D 294 12.42 10.79 -11.29
CA TYR D 294 12.04 9.75 -12.25
C TYR D 294 10.80 9.03 -11.74
N ASP D 295 10.17 8.30 -12.66
CA ASP D 295 9.02 7.46 -12.33
C ASP D 295 9.43 6.12 -11.72
N ASP D 296 10.71 5.76 -11.79
CA ASP D 296 11.21 4.52 -11.20
C ASP D 296 11.51 4.65 -9.72
N PHE D 297 10.92 5.65 -9.06
CA PHE D 297 11.02 5.89 -7.62
C PHE D 297 12.41 6.32 -7.18
N ASN D 298 13.28 6.68 -8.13
CA ASN D 298 14.64 7.09 -7.83
C ASN D 298 14.83 8.57 -8.13
N CYS D 299 16.00 9.08 -7.80
CA CYS D 299 16.40 10.46 -8.10
C CYS D 299 17.87 10.43 -8.51
N ASN D 300 18.14 10.25 -9.80
CA ASN D 300 19.53 10.12 -10.24
C ASN D 300 20.27 11.44 -10.30
N VAL D 301 21.48 11.48 -9.72
CA VAL D 301 22.28 12.69 -9.81
C VAL D 301 23.14 12.61 -11.06
N TRP D 302 22.80 13.41 -12.05
CA TRP D 302 23.62 13.45 -13.25
C TRP D 302 24.57 14.63 -13.16
N ASP D 303 25.42 14.80 -14.14
CA ASP D 303 26.41 15.87 -14.08
C ASP D 303 26.18 16.90 -15.18
N ALA D 304 27.12 17.82 -15.32
CA ALA D 304 27.02 18.87 -16.33
C ALA D 304 27.85 18.55 -17.57
N LEU D 305 29.13 18.25 -17.36
CA LEU D 305 30.02 17.92 -18.47
C LEU D 305 30.32 16.43 -18.54
N LYS D 306 30.06 15.73 -17.45
CA LYS D 306 30.30 14.28 -17.40
C LYS D 306 29.25 13.53 -18.22
N ALA D 307 27.98 13.80 -17.97
CA ALA D 307 26.90 13.15 -18.69
C ALA D 307 26.77 11.67 -18.33
N ASP D 308 26.82 11.36 -17.04
CA ASP D 308 26.78 9.96 -16.63
C ASP D 308 26.37 9.86 -15.19
N ARG D 309 25.14 9.42 -14.96
CA ARG D 309 24.64 9.28 -13.61
C ARG D 309 25.72 8.84 -12.65
N ALA D 310 26.07 9.71 -11.74
CA ALA D 310 27.13 9.41 -10.80
C ALA D 310 26.56 9.45 -9.39
N GLY D 311 25.33 9.00 -9.23
CA GLY D 311 24.74 8.97 -7.92
C GLY D 311 23.28 8.59 -7.95
N VAL D 312 22.88 7.70 -7.06
CA VAL D 312 21.48 7.34 -6.98
C VAL D 312 20.93 7.69 -5.64
N LEU D 313 19.73 8.22 -5.60
CA LEU D 313 19.08 8.64 -4.37
C LEU D 313 17.93 7.70 -4.00
N ALA D 314 18.13 6.40 -4.19
CA ALA D 314 17.08 5.44 -3.92
C ALA D 314 16.70 5.45 -2.44
N GLY D 315 15.43 5.14 -2.17
CA GLY D 315 14.91 5.18 -0.83
C GLY D 315 13.46 5.62 -0.78
N HIS D 316 12.92 6.02 -1.92
CA HIS D 316 11.51 6.39 -2.05
C HIS D 316 10.74 5.21 -2.64
N ASP D 317 9.58 4.92 -2.05
CA ASP D 317 8.76 3.79 -2.48
C ASP D 317 7.63 4.20 -3.40
N ASN D 318 7.60 5.45 -3.85
CA ASN D 318 6.55 5.91 -4.76
C ASN D 318 7.14 6.98 -5.67
N ARG D 319 6.29 7.52 -6.55
CA ARG D 319 6.75 8.49 -7.54
C ARG D 319 7.27 9.75 -6.87
N VAL D 320 8.34 10.29 -7.43
CA VAL D 320 8.96 11.53 -6.93
C VAL D 320 8.47 12.68 -7.79
N SER D 321 7.98 13.74 -7.13
CA SER D 321 7.35 14.85 -7.83
C SER D 321 8.02 16.20 -7.63
N CYS D 322 8.75 16.40 -6.53
CA CYS D 322 9.35 17.69 -6.23
C CYS D 322 10.79 17.52 -5.79
N LEU D 323 11.58 18.55 -6.01
CA LEU D 323 13.01 18.51 -5.72
C LEU D 323 13.54 19.93 -5.62
N GLY D 324 14.47 20.15 -4.70
CA GLY D 324 15.03 21.48 -4.51
C GLY D 324 16.31 21.43 -3.71
N VAL D 325 17.10 22.50 -3.83
CA VAL D 325 18.38 22.62 -3.15
C VAL D 325 18.43 23.99 -2.49
N THR D 326 19.24 24.10 -1.43
CA THR D 326 19.36 25.35 -0.69
C THR D 326 20.20 26.35 -1.48
N ASP D 327 20.13 27.61 -1.05
CA ASP D 327 20.92 28.66 -1.68
C ASP D 327 22.41 28.46 -1.45
N ASP D 328 22.81 28.06 -0.24
CA ASP D 328 24.20 27.80 0.07
C ASP D 328 24.66 26.40 -0.32
N GLY D 329 23.73 25.52 -0.67
CA GLY D 329 24.07 24.17 -1.10
C GLY D 329 24.38 23.20 0.01
N MET D 330 24.26 23.59 1.27
CA MET D 330 24.63 22.70 2.36
C MET D 330 23.70 21.48 2.44
N ALA D 331 22.43 21.65 2.11
CA ALA D 331 21.45 20.58 2.22
C ALA D 331 20.69 20.43 0.91
N VAL D 332 20.21 19.21 0.67
CA VAL D 332 19.41 18.88 -0.50
C VAL D 332 18.16 18.17 -0.03
N ALA D 333 17.00 18.70 -0.40
CA ALA D 333 15.72 18.15 0.03
C ALA D 333 15.03 17.45 -1.14
N THR D 334 14.01 16.68 -0.81
CA THR D 334 13.26 15.93 -1.80
C THR D 334 11.87 15.59 -1.23
N GLY D 335 10.97 15.21 -2.13
CA GLY D 335 9.64 14.82 -1.74
C GLY D 335 9.01 13.96 -2.81
N SER D 336 8.17 13.03 -2.40
CA SER D 336 7.59 12.05 -3.31
C SER D 336 6.10 11.91 -3.01
N TRP D 337 5.48 10.90 -3.61
CA TRP D 337 4.05 10.64 -3.46
C TRP D 337 3.72 9.80 -2.24
N ASP D 338 4.72 9.42 -1.45
CA ASP D 338 4.51 8.64 -0.23
C ASP D 338 4.28 9.52 0.99
N SER D 339 4.15 10.84 0.80
CA SER D 339 3.90 11.79 1.88
C SER D 339 5.07 11.85 2.87
N PHE D 340 6.29 11.74 2.35
CA PHE D 340 7.50 11.81 3.16
C PHE D 340 8.46 12.80 2.53
N LEU D 341 9.32 13.38 3.37
CA LEU D 341 10.39 14.24 2.92
C LEU D 341 11.72 13.73 3.46
N LYS D 342 12.77 13.89 2.66
CA LYS D 342 14.11 13.45 3.03
C LYS D 342 15.09 14.58 2.75
N ILE D 343 16.15 14.63 3.56
CA ILE D 343 17.20 15.62 3.41
C ILE D 343 18.54 14.89 3.37
N TRP D 344 19.36 15.21 2.37
CA TRP D 344 20.60 14.51 2.10
C TRP D 344 21.79 15.44 2.25
N ASN D 345 22.97 14.85 2.30
CA ASN D 345 24.21 15.61 2.38
C ASN D 345 25.35 14.88 1.68
N ALA E 6 -8.52 38.62 -35.03
CA ALA E 6 -8.87 37.29 -35.51
C ALA E 6 -7.64 36.42 -35.68
N SER E 7 -7.84 35.20 -36.18
CA SER E 7 -6.71 34.29 -36.39
C SER E 7 -5.75 34.82 -37.44
N ILE E 8 -6.26 35.38 -38.53
CA ILE E 8 -5.38 35.90 -39.59
C ILE E 8 -4.57 37.08 -39.07
N ALA E 9 -5.20 37.99 -38.34
CA ALA E 9 -4.48 39.14 -37.80
C ALA E 9 -3.41 38.71 -36.81
N GLN E 10 -3.75 37.75 -35.94
CA GLN E 10 -2.76 37.26 -34.97
C GLN E 10 -1.61 36.56 -35.68
N ALA E 11 -1.91 35.79 -36.74
CA ALA E 11 -0.85 35.13 -37.50
C ALA E 11 0.06 36.15 -38.17
N ARG E 12 -0.52 37.21 -38.73
CA ARG E 12 0.30 38.26 -39.36
C ARG E 12 1.17 38.97 -38.33
N LYS E 13 0.60 39.25 -37.15
CA LYS E 13 1.38 39.88 -36.09
C LYS E 13 2.52 38.98 -35.64
N LEU E 14 2.26 37.68 -35.51
CA LEU E 14 3.31 36.74 -35.13
C LEU E 14 4.39 36.65 -36.21
N VAL E 15 3.98 36.70 -37.48
CA VAL E 15 4.95 36.66 -38.58
C VAL E 15 5.85 37.89 -38.53
N GLU E 16 5.24 39.05 -38.33
CA GLU E 16 5.99 40.30 -38.26
C GLU E 16 6.89 40.32 -37.04
N GLN E 17 6.47 39.60 -36.01
CA GLN E 17 7.23 39.46 -34.79
C GLN E 17 8.33 38.40 -34.97
N LEU E 18 8.01 37.32 -35.69
CA LEU E 18 8.98 36.26 -35.94
C LEU E 18 10.16 36.78 -36.74
N LYS E 19 9.86 37.60 -37.74
CA LYS E 19 10.88 38.19 -38.60
C LYS E 19 11.97 38.92 -37.79
N MET E 20 11.56 39.71 -36.80
CA MET E 20 12.50 40.43 -35.95
C MET E 20 13.01 39.56 -34.80
N GLU E 21 12.45 38.37 -34.61
CA GLU E 21 12.93 37.46 -33.56
C GLU E 21 13.71 36.33 -34.17
N ALA E 22 14.41 36.61 -35.26
CA ALA E 22 15.23 35.64 -35.96
C ALA E 22 16.53 36.26 -36.45
N ASN E 23 16.77 37.51 -36.05
CA ASN E 23 17.97 38.24 -36.43
C ASN E 23 18.69 38.77 -35.20
N ILE E 24 19.25 37.87 -34.41
CA ILE E 24 19.97 38.26 -33.22
C ILE E 24 21.39 37.72 -33.25
N ASP E 25 22.30 38.37 -32.53
CA ASP E 25 23.69 37.92 -32.51
C ASP E 25 23.76 36.48 -32.02
N ARG E 26 24.51 35.66 -32.76
CA ARG E 26 24.69 34.26 -32.41
C ARG E 26 26.17 33.89 -32.55
N ILE E 27 26.89 33.94 -31.43
CA ILE E 27 28.32 33.64 -31.41
C ILE E 27 28.54 32.14 -31.40
N LYS E 28 29.78 31.72 -31.64
CA LYS E 28 30.10 30.29 -31.69
C LYS E 28 30.03 29.68 -30.30
N VAL E 29 29.85 28.36 -30.26
CA VAL E 29 29.68 27.66 -28.99
C VAL E 29 30.98 27.55 -28.22
N SER E 30 32.11 27.89 -28.82
CA SER E 30 33.39 27.80 -28.12
C SER E 30 33.44 28.77 -26.95
N LYS E 31 32.96 30.00 -27.14
CA LYS E 31 32.95 30.97 -26.05
C LYS E 31 31.99 30.53 -24.94
N ALA E 32 30.84 29.96 -25.30
CA ALA E 32 29.92 29.46 -24.30
C ALA E 32 30.55 28.33 -23.50
N ALA E 33 31.25 27.41 -24.17
CA ALA E 33 31.93 26.34 -23.47
C ALA E 33 33.02 26.87 -22.55
N ALA E 34 33.77 27.88 -23.01
CA ALA E 34 34.81 28.47 -22.18
C ALA E 34 34.22 29.14 -20.94
N ASP E 35 33.10 29.86 -21.11
CA ASP E 35 32.44 30.48 -19.97
C ASP E 35 31.93 29.44 -18.99
N LEU E 36 31.36 28.34 -19.51
CA LEU E 36 30.90 27.27 -18.64
C LEU E 36 32.06 26.65 -17.88
N MET E 37 33.20 26.45 -18.55
CA MET E 37 34.39 25.95 -17.86
C MET E 37 34.82 26.89 -16.74
N ALA E 38 34.89 28.19 -17.05
CA ALA E 38 35.32 29.16 -16.06
C ALA E 38 34.38 29.14 -14.85
N TYR E 39 33.08 29.04 -15.10
CA TYR E 39 32.14 29.02 -13.99
C TYR E 39 32.26 27.73 -13.18
N CYS E 40 32.42 26.58 -13.85
CA CYS E 40 32.32 25.31 -13.14
C CYS E 40 33.59 25.02 -12.33
N GLU E 41 34.77 25.37 -12.85
CA GLU E 41 35.92 25.30 -11.95
C GLU E 41 36.19 26.60 -11.21
N ALA E 42 35.34 27.62 -11.36
CA ALA E 42 35.50 28.83 -10.56
C ALA E 42 35.04 28.61 -9.12
N HIS E 43 33.91 27.94 -8.93
CA HIS E 43 33.35 27.70 -7.61
C HIS E 43 33.29 26.22 -7.29
N ALA E 44 34.26 25.45 -7.76
CA ALA E 44 34.26 24.00 -7.57
C ALA E 44 34.58 23.61 -6.13
N LYS E 45 35.24 24.46 -5.36
CA LYS E 45 35.59 24.15 -3.98
C LYS E 45 34.64 24.76 -2.96
N GLU E 46 33.65 25.54 -3.41
CA GLU E 46 32.69 26.15 -2.50
C GLU E 46 31.43 25.31 -2.30
N ASP E 47 31.08 24.47 -3.27
CA ASP E 47 29.89 23.65 -3.15
C ASP E 47 30.18 22.47 -2.24
N PRO E 48 29.47 22.32 -1.11
CA PRO E 48 29.74 21.18 -0.22
C PRO E 48 29.44 19.83 -0.85
N LEU E 49 28.55 19.76 -1.84
CA LEU E 49 28.28 18.48 -2.49
C LEU E 49 29.48 17.98 -3.28
N LEU E 50 30.39 18.87 -3.68
CA LEU E 50 31.62 18.44 -4.33
C LEU E 50 32.64 17.97 -3.30
N THR E 51 33.01 18.86 -2.38
CA THR E 51 33.94 18.53 -1.29
C THR E 51 33.20 18.68 0.03
N PRO E 52 32.78 17.58 0.67
CA PRO E 52 32.02 17.70 1.92
C PRO E 52 32.83 18.41 3.00
N VAL E 53 32.14 19.24 3.77
CA VAL E 53 32.74 19.95 4.90
C VAL E 53 32.92 18.96 6.05
N PRO E 54 33.82 19.23 6.99
CA PRO E 54 33.95 18.34 8.14
C PRO E 54 32.66 18.26 8.94
N ALA E 55 32.34 17.07 9.41
CA ALA E 55 31.08 16.82 10.13
C ALA E 55 31.26 17.08 11.62
N SER E 56 31.65 18.33 11.94
CA SER E 56 31.85 18.75 13.31
C SER E 56 31.21 20.08 13.65
N GLU E 57 30.86 20.92 12.67
CA GLU E 57 30.27 22.21 12.92
C GLU E 57 28.95 22.44 12.19
N ASN E 58 28.59 21.58 11.23
CA ASN E 58 27.33 21.76 10.53
C ASN E 58 26.15 21.46 11.47
N PRO E 59 24.97 22.04 11.19
CA PRO E 59 23.82 21.80 12.09
C PRO E 59 23.19 20.44 11.95
N PHE E 60 23.74 19.55 11.12
CA PHE E 60 23.18 18.23 10.89
C PHE E 60 23.97 17.13 11.59
N ARG E 61 24.48 17.42 12.79
CA ARG E 61 25.23 16.42 13.56
C ARG E 61 24.30 15.31 14.06
N GLN F 3 10.44 21.80 -35.11
CA GLN F 3 9.86 20.86 -34.16
C GLN F 3 9.50 19.55 -34.85
N VAL F 4 8.64 18.77 -34.22
CA VAL F 4 8.17 17.50 -34.78
C VAL F 4 7.18 17.80 -35.89
N GLN F 5 7.45 17.27 -37.08
CA GLN F 5 6.64 17.54 -38.26
C GLN F 5 6.15 16.23 -38.86
N LEU F 6 4.85 16.15 -39.12
CA LEU F 6 4.22 15.00 -39.76
C LEU F 6 3.69 15.42 -41.13
N GLN F 7 4.03 14.65 -42.15
CA GLN F 7 3.62 14.97 -43.51
C GLN F 7 2.90 13.78 -44.12
N GLU F 8 1.75 14.05 -44.74
CA GLU F 8 0.97 13.06 -45.46
C GLU F 8 0.68 13.55 -46.87
N SER F 9 0.47 12.60 -47.77
CA SER F 9 0.26 12.93 -49.18
C SER F 9 -0.61 11.86 -49.80
N GLY F 10 -0.88 12.03 -51.09
CA GLY F 10 -1.70 11.10 -51.85
C GLY F 10 -3.14 11.52 -52.04
N GLY F 11 -3.60 12.55 -51.32
CA GLY F 11 -4.96 13.02 -51.48
C GLY F 11 -5.12 13.94 -52.67
N GLY F 12 -6.38 14.21 -53.01
CA GLY F 12 -6.69 15.08 -54.12
C GLY F 12 -8.01 14.69 -54.75
N LEU F 13 -8.22 15.20 -55.96
CA LEU F 13 -9.40 14.90 -56.76
C LEU F 13 -9.08 13.76 -57.72
N VAL F 14 -9.96 12.77 -57.75
CA VAL F 14 -9.72 11.55 -58.53
C VAL F 14 -11.07 10.95 -58.89
N GLN F 15 -11.08 10.13 -59.94
CA GLN F 15 -12.31 9.46 -60.36
C GLN F 15 -12.78 8.51 -59.26
N PRO F 16 -14.08 8.31 -59.11
CA PRO F 16 -14.57 7.35 -58.10
C PRO F 16 -13.99 5.96 -58.31
N GLY F 17 -13.71 5.28 -57.19
CA GLY F 17 -13.06 4.00 -57.24
C GLY F 17 -11.63 4.06 -57.71
N GLY F 18 -10.88 5.08 -57.28
CA GLY F 18 -9.51 5.26 -57.70
C GLY F 18 -8.46 4.51 -56.92
N SER F 19 -8.86 3.82 -55.84
CA SER F 19 -7.92 3.09 -54.98
C SER F 19 -6.84 4.02 -54.45
N LEU F 20 -7.29 4.97 -53.63
CA LEU F 20 -6.45 6.06 -53.15
C LEU F 20 -5.26 5.53 -52.37
N ARG F 21 -4.25 6.39 -52.21
CA ARG F 21 -3.03 6.05 -51.49
C ARG F 21 -2.78 7.12 -50.43
N LEU F 22 -2.60 6.68 -49.19
CA LEU F 22 -2.36 7.59 -48.08
C LEU F 22 -1.11 7.13 -47.33
N SER F 23 -0.06 7.96 -47.36
CA SER F 23 1.21 7.64 -46.73
C SER F 23 1.61 8.78 -45.81
N CYS F 24 2.07 8.42 -44.61
CA CYS F 24 2.48 9.39 -43.61
C CYS F 24 4.00 9.39 -43.50
N ALA F 25 4.59 10.59 -43.56
CA ALA F 25 6.02 10.77 -43.42
C ALA F 25 6.33 11.41 -42.08
N ALA F 26 7.29 10.84 -41.35
CA ALA F 26 7.64 11.31 -40.02
C ALA F 26 9.13 11.57 -39.94
N SER F 27 9.50 12.52 -39.09
CA SER F 27 10.90 12.88 -38.90
C SER F 27 11.06 13.56 -37.55
N GLY F 28 12.30 13.60 -37.08
CA GLY F 28 12.64 14.25 -35.83
C GLY F 28 12.44 13.41 -34.58
N PHE F 29 12.03 12.16 -34.72
CA PHE F 29 11.82 11.29 -33.57
C PHE F 29 11.91 9.84 -34.03
N THR F 30 12.06 8.94 -33.07
CA THR F 30 12.16 7.52 -33.37
C THR F 30 10.78 6.98 -33.73
N PHE F 31 10.67 6.44 -34.95
CA PHE F 31 9.37 5.97 -35.44
C PHE F 31 8.97 4.63 -34.83
N SER F 32 9.92 3.87 -34.30
CA SER F 32 9.65 2.54 -33.78
C SER F 32 9.28 2.55 -32.30
N ASN F 33 8.80 3.68 -31.78
CA ASN F 33 8.54 3.79 -30.35
C ASN F 33 7.21 4.44 -30.02
N TYR F 34 6.32 4.61 -30.99
CA TYR F 34 5.07 5.32 -30.77
C TYR F 34 3.90 4.58 -31.43
N LYS F 35 2.71 4.82 -30.90
CA LYS F 35 1.48 4.25 -31.42
C LYS F 35 0.89 5.16 -32.49
N MET F 36 0.43 4.56 -33.59
CA MET F 36 -0.11 5.30 -34.72
C MET F 36 -1.62 5.07 -34.79
N ASN F 37 -2.36 6.18 -34.91
CA ASN F 37 -3.81 6.15 -35.04
C ASN F 37 -4.22 6.84 -36.33
N TRP F 38 -5.53 6.84 -36.62
CA TRP F 38 -6.06 7.54 -37.78
C TRP F 38 -7.34 8.28 -37.38
N VAL F 39 -7.41 9.55 -37.74
CA VAL F 39 -8.53 10.41 -37.37
C VAL F 39 -9.02 11.14 -38.62
N ARG F 40 -10.34 11.25 -38.75
CA ARG F 40 -10.98 11.85 -39.91
C ARG F 40 -11.94 12.94 -39.48
N GLN F 41 -12.03 13.99 -40.29
CA GLN F 41 -12.94 15.11 -40.03
C GLN F 41 -13.82 15.33 -41.26
N ALA F 42 -15.08 14.91 -41.18
CA ALA F 42 -16.02 15.15 -42.25
C ALA F 42 -16.57 16.57 -42.18
N PRO F 43 -16.89 17.18 -43.31
CA PRO F 43 -17.46 18.53 -43.28
C PRO F 43 -18.83 18.54 -42.63
N GLY F 44 -19.13 19.64 -41.94
CA GLY F 44 -20.39 19.81 -41.28
C GLY F 44 -20.49 19.23 -39.88
N LYS F 45 -19.43 18.60 -39.40
CA LYS F 45 -19.44 17.99 -38.06
C LYS F 45 -18.01 17.89 -37.56
N GLY F 46 -17.83 17.28 -36.39
CA GLY F 46 -16.56 17.26 -35.70
C GLY F 46 -15.63 16.16 -36.17
N LEU F 47 -14.69 15.82 -35.28
CA LEU F 47 -13.67 14.82 -35.58
C LEU F 47 -14.20 13.41 -35.35
N GLU F 48 -13.68 12.46 -36.15
CA GLU F 48 -14.05 11.06 -36.02
C GLU F 48 -12.78 10.21 -36.05
N TRP F 49 -12.81 9.11 -35.30
CA TRP F 49 -11.72 8.16 -35.24
C TRP F 49 -12.01 6.98 -36.15
N VAL F 50 -10.98 6.49 -36.85
CA VAL F 50 -11.18 5.47 -37.86
C VAL F 50 -10.51 4.16 -37.47
N SER F 51 -9.19 4.18 -37.32
CA SER F 51 -8.46 2.93 -37.10
C SER F 51 -7.17 3.24 -36.34
N ASP F 52 -6.62 2.21 -35.71
CA ASP F 52 -5.37 2.29 -34.96
C ASP F 52 -4.56 1.02 -35.20
N ILE F 53 -3.26 1.12 -34.96
CA ILE F 53 -2.36 -0.02 -35.12
C ILE F 53 -1.47 -0.09 -33.89
N SER F 54 -0.92 -1.28 -33.62
CA SER F 54 -0.09 -1.48 -32.46
C SER F 54 1.33 -0.97 -32.72
N GLN F 55 2.20 -1.18 -31.74
CA GLN F 55 3.60 -0.79 -31.89
C GLN F 55 4.28 -1.58 -33.00
N SER F 56 4.06 -2.90 -33.03
CA SER F 56 4.62 -3.77 -34.04
C SER F 56 3.60 -4.19 -35.10
N GLY F 57 2.42 -3.58 -35.10
CA GLY F 57 1.40 -3.94 -36.07
C GLY F 57 0.63 -5.20 -35.73
N ALA F 58 0.67 -5.66 -34.48
CA ALA F 58 -0.04 -6.88 -34.11
C ALA F 58 -1.51 -6.61 -33.87
N SER F 59 -1.83 -5.77 -32.88
CA SER F 59 -3.21 -5.47 -32.55
C SER F 59 -3.80 -4.51 -33.58
N ILE F 60 -4.98 -4.84 -34.10
CA ILE F 60 -5.64 -4.04 -35.12
C ILE F 60 -7.11 -3.89 -34.73
N SER F 61 -7.63 -2.67 -34.85
CA SER F 61 -9.03 -2.40 -34.56
C SER F 61 -9.60 -1.50 -35.64
N TYR F 62 -10.92 -1.57 -35.82
CA TYR F 62 -11.62 -0.76 -36.81
C TYR F 62 -12.86 -0.10 -36.23
N THR F 63 -13.27 1.01 -36.81
CA THR F 63 -14.47 1.72 -36.41
C THR F 63 -15.62 0.88 -36.92
N GLY F 64 -16.70 0.70 -36.17
CA GLY F 64 -17.78 -0.13 -36.68
C GLY F 64 -18.34 0.17 -38.07
N SER F 65 -18.48 1.45 -38.39
CA SER F 65 -19.09 1.88 -39.65
C SER F 65 -18.32 1.35 -40.85
N VAL F 66 -16.99 1.43 -40.82
CA VAL F 66 -16.15 0.99 -41.92
C VAL F 66 -15.31 -0.20 -41.44
N LYS F 67 -15.73 -1.40 -41.81
CA LYS F 67 -15.01 -2.61 -41.47
C LYS F 67 -14.98 -3.54 -42.66
N GLY F 68 -13.80 -4.05 -43.00
CA GLY F 68 -13.66 -4.91 -44.14
C GLY F 68 -13.55 -4.18 -45.47
N ARG F 69 -13.43 -2.85 -45.46
CA ARG F 69 -13.17 -2.09 -46.67
C ARG F 69 -11.86 -1.32 -46.66
N PHE F 70 -11.27 -1.06 -45.49
CA PHE F 70 -10.01 -0.35 -45.40
C PHE F 70 -8.92 -1.28 -44.88
N THR F 71 -7.66 -0.87 -45.09
CA THR F 71 -6.51 -1.62 -44.61
C THR F 71 -5.46 -0.66 -44.06
N ILE F 72 -4.67 -1.14 -43.11
CA ILE F 72 -3.58 -0.39 -42.51
C ILE F 72 -2.35 -1.29 -42.48
N SER F 73 -1.17 -0.68 -42.64
CA SER F 73 0.08 -1.43 -42.64
C SER F 73 1.21 -0.52 -42.21
N ARG F 74 1.68 -0.71 -40.99
CA ARG F 74 2.84 0.03 -40.52
C ARG F 74 4.12 -0.56 -41.10
N ASP F 75 5.01 0.30 -41.57
CA ASP F 75 6.26 -0.11 -42.21
C ASP F 75 7.41 0.68 -41.59
N ASN F 76 8.19 0.00 -40.75
CA ASN F 76 9.31 0.65 -40.08
C ASN F 76 10.48 0.91 -41.03
N ALA F 77 10.76 -0.02 -41.94
CA ALA F 77 11.93 0.13 -42.82
C ALA F 77 11.75 1.30 -43.77
N LYS F 78 10.60 1.40 -44.43
CA LYS F 78 10.32 2.48 -45.36
C LYS F 78 9.81 3.73 -44.67
N ASN F 79 9.36 3.62 -43.43
CA ASN F 79 8.81 4.73 -42.66
C ASN F 79 7.64 5.35 -43.43
N THR F 80 6.68 4.51 -43.75
CA THR F 80 5.45 4.91 -44.44
C THR F 80 4.28 4.12 -43.87
N LEU F 81 3.09 4.47 -44.33
CA LEU F 81 1.86 3.77 -43.97
C LEU F 81 1.08 3.44 -45.23
N TYR F 82 0.44 2.29 -45.23
CA TYR F 82 -0.38 1.82 -46.35
C TYR F 82 -1.84 1.89 -45.97
N LEU F 83 -2.61 2.68 -46.73
CA LEU F 83 -4.03 2.90 -46.49
C LEU F 83 -4.83 2.70 -47.76
N GLN F 84 -4.57 1.60 -48.47
CA GLN F 84 -5.33 1.29 -49.67
C GLN F 84 -6.80 1.08 -49.34
N MET F 85 -7.67 1.48 -50.26
CA MET F 85 -9.10 1.46 -50.01
C MET F 85 -9.85 1.30 -51.32
N ASN F 86 -11.10 0.88 -51.22
CA ASN F 86 -11.94 0.64 -52.39
C ASN F 86 -13.40 0.70 -51.94
N SER F 87 -14.30 0.60 -52.92
CA SER F 87 -15.75 0.64 -52.69
C SER F 87 -16.15 1.94 -51.97
N LEU F 88 -15.93 3.05 -52.67
CA LEU F 88 -16.17 4.37 -52.11
C LEU F 88 -17.66 4.60 -51.88
N LYS F 89 -17.95 5.51 -50.95
CA LYS F 89 -19.29 5.95 -50.62
C LYS F 89 -19.34 7.48 -50.71
N PRO F 90 -20.52 8.05 -50.97
CA PRO F 90 -20.62 9.51 -51.05
C PRO F 90 -20.22 10.22 -49.77
N GLU F 91 -20.40 9.59 -48.62
CA GLU F 91 -20.06 10.23 -47.34
C GLU F 91 -18.57 10.12 -47.01
N ASP F 92 -17.79 9.38 -47.81
CA ASP F 92 -16.36 9.25 -47.55
C ASP F 92 -15.57 10.49 -47.89
N THR F 93 -16.18 11.46 -48.57
CA THR F 93 -15.50 12.71 -48.91
C THR F 93 -15.25 13.52 -47.64
N ALA F 94 -14.00 13.58 -47.21
CA ALA F 94 -13.64 14.27 -45.98
C ALA F 94 -12.14 14.58 -46.03
N VAL F 95 -11.60 15.00 -44.89
CA VAL F 95 -10.18 15.29 -44.75
C VAL F 95 -9.60 14.32 -43.72
N TYR F 96 -8.53 13.64 -44.10
CA TYR F 96 -7.87 12.67 -43.23
C TYR F 96 -6.64 13.30 -42.58
N TYR F 97 -6.54 13.12 -41.27
CA TYR F 97 -5.43 13.66 -40.49
C TYR F 97 -4.62 12.49 -39.92
N CYS F 98 -3.30 12.56 -40.07
CA CYS F 98 -2.42 11.52 -39.54
C CYS F 98 -2.14 11.83 -38.07
N ALA F 99 -2.54 10.93 -37.19
CA ALA F 99 -2.46 11.15 -35.75
C ALA F 99 -1.28 10.40 -35.15
N ARG F 100 -0.88 10.84 -33.95
CA ARG F 100 0.23 10.25 -33.21
C ARG F 100 -0.18 10.03 -31.76
N CYS F 101 0.76 9.56 -30.96
CA CYS F 101 0.55 9.27 -29.55
C CYS F 101 1.62 9.98 -28.73
N PRO F 102 1.23 10.80 -27.74
CA PRO F 102 2.26 11.58 -27.01
C PRO F 102 3.23 10.72 -26.21
N ALA F 103 2.74 9.69 -25.53
CA ALA F 103 3.72 8.99 -24.73
C ALA F 103 4.21 7.73 -25.43
N PRO F 104 5.50 7.42 -25.30
CA PRO F 104 6.01 6.15 -25.82
C PRO F 104 5.89 5.04 -24.79
N PHE F 105 6.04 3.81 -25.26
CA PHE F 105 5.98 2.60 -24.42
C PHE F 105 4.65 2.51 -23.68
N THR F 106 3.58 2.88 -24.37
CA THR F 106 2.24 2.85 -23.78
C THR F 106 1.24 2.46 -24.85
N ARG F 107 0.20 1.73 -24.44
CA ARG F 107 -0.80 1.22 -25.37
C ARG F 107 -1.95 2.18 -25.61
N ASP F 108 -2.15 3.16 -24.74
CA ASP F 108 -3.26 4.09 -24.87
C ASP F 108 -2.79 5.51 -24.58
N CYS F 109 -3.48 6.48 -25.17
CA CYS F 109 -3.18 7.89 -24.95
C CYS F 109 -4.33 8.75 -25.46
N PHE F 110 -4.64 9.79 -24.70
CA PHE F 110 -5.77 10.66 -24.98
C PHE F 110 -5.42 11.68 -26.05
N ASP F 111 -6.34 12.62 -26.27
CA ASP F 111 -6.10 13.81 -27.08
C ASP F 111 -5.69 13.45 -28.52
N VAL F 112 -6.43 12.52 -29.11
CA VAL F 112 -6.20 12.16 -30.50
C VAL F 112 -7.16 12.93 -31.38
N THR F 113 -8.37 13.19 -30.85
CA THR F 113 -9.40 13.93 -31.57
C THR F 113 -9.61 15.33 -31.00
N SER F 114 -8.65 15.85 -30.25
CA SER F 114 -8.81 17.15 -29.64
C SER F 114 -8.80 18.25 -30.69
N THR F 115 -9.37 19.41 -30.33
CA THR F 115 -9.50 20.51 -31.27
C THR F 115 -8.16 21.08 -31.68
N THR F 116 -7.23 21.23 -30.73
CA THR F 116 -5.98 21.94 -30.95
C THR F 116 -4.79 21.06 -30.55
N TYR F 117 -4.79 19.82 -31.05
CA TYR F 117 -3.66 18.93 -30.81
C TYR F 117 -2.43 19.39 -31.58
N ALA F 118 -1.27 18.93 -31.12
CA ALA F 118 0.01 19.34 -31.69
C ALA F 118 0.60 18.31 -32.65
N TYR F 119 0.73 17.06 -32.22
CA TYR F 119 1.34 16.02 -33.04
C TYR F 119 0.34 15.41 -34.03
N ARG F 120 -0.24 16.26 -34.87
CA ARG F 120 -1.23 15.85 -35.86
C ARG F 120 -0.83 16.40 -37.22
N GLY F 121 -1.10 15.62 -38.26
CA GLY F 121 -0.70 16.00 -39.60
C GLY F 121 -1.47 17.18 -40.14
N GLN F 122 -0.95 17.74 -41.23
CA GLN F 122 -1.57 18.90 -41.85
C GLN F 122 -2.89 18.53 -42.54
N GLY F 123 -3.00 17.32 -43.06
CA GLY F 123 -4.25 16.87 -43.65
C GLY F 123 -4.26 16.98 -45.16
N THR F 124 -5.01 16.08 -45.79
CA THR F 124 -5.18 16.05 -47.23
C THR F 124 -6.66 15.95 -47.56
N GLN F 125 -7.02 16.54 -48.70
CA GLN F 125 -8.41 16.55 -49.17
C GLN F 125 -8.62 15.44 -50.19
N VAL F 126 -9.67 14.64 -49.99
CA VAL F 126 -10.04 13.60 -50.93
C VAL F 126 -11.50 13.78 -51.31
N THR F 127 -11.84 13.36 -52.52
CA THR F 127 -13.20 13.48 -53.02
C THR F 127 -13.48 12.30 -53.95
N VAL F 128 -14.74 11.90 -54.00
CA VAL F 128 -15.16 10.78 -54.82
C VAL F 128 -15.19 11.17 -56.30
O01 D6M G . 12.73 -36.05 27.54
C02 D6M G . 12.45 -37.22 27.74
N03 D6M G . 11.77 -37.64 28.81
C04 D6M G . 11.20 -36.72 29.78
C05 D6M G . 10.47 -37.47 30.88
C06 D6M G . 9.24 -38.22 30.39
C07 D6M G . 8.16 -38.10 31.47
O08 D6M G . 8.49 -38.77 32.50
C09 D6M G . 12.21 -35.85 30.47
O10 D6M G . 13.34 -36.33 30.69
O11 D6M G . 11.89 -34.69 30.79
C12 D6M G . 12.80 -38.26 26.69
C13 D6M G . 13.61 -37.70 25.51
C14 D6M G . 12.79 -36.92 24.47
C15 D6M G . 13.48 -35.62 24.03
C16 D6M G . 12.92 -35.05 22.72
C17 D6M G . 13.39 -33.60 22.53
C18 D6M G . 13.28 -33.06 21.10
C19 D6M G . 14.64 -32.54 20.58
C20 D6M G . 14.61 -31.95 19.17
C21 D6M G . 13.97 -30.56 19.09
C22 D6M G . 14.48 -29.82 17.87
C23 D6M G . 13.67 -28.55 17.64
C24 D6M G . 14.16 -27.74 16.46
C25 D6M G . 13.49 -26.36 16.47
C26 D6M G . 13.56 -25.62 15.15
H03 D6M G . 11.59 -38.63 28.91
H121 D6M G . 13.38 -39.06 27.16
H122 D6M G . 11.88 -38.71 26.31
H04 D6M G . 10.49 -36.06 29.27
H051 D6M G . 10.16 -36.75 31.63
H052 D6M G . 11.15 -38.17 31.36
H061 D6M G . 8.87 -37.82 29.44
H062 D6M G . 9.48 -39.28 30.23
H131 D6M G . 14.05 -38.55 24.99
H132 D6M G . 14.45 -37.11 25.87
H141 D6M G . 12.65 -37.56 23.59
H142 D6M G . 11.81 -36.68 24.86
H151 D6M G . 13.39 -34.89 24.82
H152 D6M G . 14.54 -35.81 23.88
H161 D6M G . 13.26 -35.67 21.89
H162 D6M G . 11.83 -35.09 22.74
H171 D6M G . 12.79 -32.95 23.18
H172 D6M G . 14.42 -33.52 22.87
H181 D6M G . 12.57 -32.24 21.09
H182 D6M G . 12.90 -33.83 20.42
H191 D6M G . 15.03 -31.81 21.28
H192 D6M G . 15.34 -33.38 20.58
H201 D6M G . 14.06 -32.62 18.50
H202 D6M G . 15.64 -31.89 18.80
H211 D6M G . 12.89 -30.67 19.04
H212 D6M G . 14.20 -29.98 19.99
H221 D6M G . 14.40 -30.45 16.98
H222 D6M G . 15.52 -29.55 18.00
H231 D6M G . 13.74 -27.93 18.55
H232 D6M G . 12.61 -28.82 17.49
H241 D6M G . 15.24 -27.62 16.49
H242 D6M G . 13.91 -28.29 15.54
H251 D6M G . 13.96 -25.75 17.24
H252 D6M G . 12.46 -26.49 16.74
H261 D6M G . 12.69 -25.01 15.07
H262 D6M G . 14.42 -25.01 15.14
H263 D6M G . 13.59 -26.29 14.34
#